data_4RDI
#
_entry.id   4RDI
#
_cell.length_a   65.710
_cell.length_b   97.036
_cell.length_c   84.215
_cell.angle_alpha   90.00
_cell.angle_beta   111.83
_cell.angle_gamma   90.00
#
_symmetry.space_group_name_H-M   'P 1 21 1'
#
loop_
_entity.id
_entity.type
_entity.pdbx_description
1 polymer 'tRNA threonylcarbamoyladenosine dehydratase'
2 non-polymer "ADENOSINE-5'-TRIPHOSPHATE"
3 non-polymer GLYCEROL
4 water water
#
_entity_poly.entity_id   1
_entity_poly.type   'polypeptide(L)'
_entity_poly.pdbx_seq_one_letter_code
;(MSE)GSSHHHHHHSSGLVPRGSH(MSE)SVVISDAWRQRFGGTARLYGEKALQLFADAHICVVGIGGVGSWAAEALART
GIGAITLID(MSE)DDVCVTNTNRQIHALRDNVGLAKAEV(MSE)AERIRQINPECRVTVVDDFVTPDNVAQY(MSE)SV
GYSYVIDAIDSVRPKAALIAYCRRNKIPLVTTGGAGGQIDPTQIQVTDLAKTIQDPLAAKLRERLKSDFGVVKNSKGKLG
VDCVFSTEALVYPQSDGTVCA(MSE)KATAEGPKR(MSE)DCASGFGAAT(MSE)VTATFGFVAVSHALKK(MSE)
(MSE)AKAARQG
;
_entity_poly.pdbx_strand_id   A,B,C,D
#
loop_
_chem_comp.id
_chem_comp.type
_chem_comp.name
_chem_comp.formula
ATP non-polymer ADENOSINE-5'-TRIPHOSPHATE 'C10 H16 N5 O13 P3'
GOL non-polymer GLYCEROL 'C3 H8 O3'
#
# COMPACT_ATOMS: atom_id res chain seq x y z
N SER A 22 6.83 12.52 -42.55
CA SER A 22 5.80 12.56 -41.43
C SER A 22 5.57 11.17 -40.75
N VAL A 23 5.63 11.12 -39.40
CA VAL A 23 5.14 9.98 -38.59
C VAL A 23 3.67 9.75 -38.89
N VAL A 24 3.26 8.50 -39.12
CA VAL A 24 1.89 8.16 -39.43
C VAL A 24 1.14 8.11 -38.14
N ILE A 25 0.10 8.87 -38.02
CA ILE A 25 -0.71 8.82 -36.80
C ILE A 25 -1.70 7.67 -36.91
N SER A 26 -1.48 6.64 -36.11
CA SER A 26 -2.33 5.46 -36.08
C SER A 26 -3.65 5.72 -35.34
N ASP A 27 -4.62 4.83 -35.56
CA ASP A 27 -5.88 4.93 -34.83
C ASP A 27 -5.65 4.88 -33.31
N ALA A 28 -4.73 4.04 -32.86
CA ALA A 28 -4.40 3.98 -31.44
C ALA A 28 -3.81 5.30 -30.94
N TRP A 29 -2.99 5.94 -31.75
CA TRP A 29 -2.45 7.25 -31.43
C TRP A 29 -3.57 8.31 -31.23
N ARG A 30 -4.55 8.26 -32.12
CA ARG A 30 -5.67 9.13 -32.00
C ARG A 30 -6.49 8.85 -30.73
N GLN A 31 -6.54 7.59 -30.33
CA GLN A 31 -7.20 7.24 -29.07
C GLN A 31 -6.50 7.80 -27.88
N ARG A 32 -5.20 7.68 -27.87
CA ARG A 32 -4.41 8.20 -26.77
C ARG A 32 -4.43 9.75 -26.69
N PHE A 33 -4.35 10.39 -27.84
CA PHE A 33 -4.07 11.84 -27.95
C PHE A 33 -5.17 12.62 -28.59
N GLY A 34 -6.39 12.08 -28.65
CA GLY A 34 -7.47 12.87 -29.25
C GLY A 34 -7.74 14.11 -28.46
N GLY A 35 -7.55 14.04 -27.12
CA GLY A 35 -7.59 15.20 -26.27
C GLY A 35 -6.57 16.29 -26.58
N THR A 36 -5.38 15.88 -27.00
CA THR A 36 -4.33 16.79 -27.49
C THR A 36 -4.79 17.52 -28.79
N ALA A 37 -5.30 16.77 -29.73
CA ALA A 37 -5.79 17.33 -30.98
C ALA A 37 -6.93 18.29 -30.75
N ARG A 38 -7.80 17.98 -29.76
CA ARG A 38 -8.88 18.87 -29.46
C ARG A 38 -8.43 20.14 -28.79
N LEU A 39 -7.30 20.10 -28.10
CA LEU A 39 -6.79 21.28 -27.43
C LEU A 39 -5.90 22.13 -28.35
N TYR A 40 -5.00 21.49 -29.07
CA TYR A 40 -4.01 22.22 -29.83
C TYR A 40 -4.31 22.29 -31.30
N GLY A 41 -5.25 21.49 -31.75
CA GLY A 41 -5.57 21.30 -33.19
C GLY A 41 -4.92 20.08 -33.89
N GLU A 42 -5.45 19.73 -35.05
CA GLU A 42 -4.95 18.60 -35.83
C GLU A 42 -3.58 18.92 -36.42
N LYS A 43 -3.35 20.13 -36.85
CA LYS A 43 -2.01 20.43 -37.35
C LYS A 43 -0.94 20.25 -36.29
N ALA A 44 -1.23 20.75 -35.12
CA ALA A 44 -0.33 20.55 -34.00
C ALA A 44 -0.15 19.09 -33.64
N LEU A 45 -1.20 18.27 -33.66
CA LEU A 45 -1.02 16.82 -33.40
C LEU A 45 0.09 16.22 -34.26
N GLN A 46 0.08 16.54 -35.53
CA GLN A 46 1.06 16.04 -36.44
C GLN A 46 2.44 16.65 -36.20
N LEU A 47 2.48 17.97 -35.93
CA LEU A 47 3.75 18.64 -35.55
C LEU A 47 4.43 17.95 -34.34
N PHE A 48 3.62 17.60 -33.34
CA PHE A 48 4.10 16.91 -32.17
C PHE A 48 4.54 15.48 -32.52
N ALA A 49 3.73 14.76 -33.32
CA ALA A 49 4.13 13.44 -33.74
C ALA A 49 5.46 13.41 -34.54
N ASP A 50 5.70 14.45 -35.32
CA ASP A 50 6.94 14.60 -36.13
C ASP A 50 8.11 15.14 -35.31
N ALA A 51 7.86 15.53 -34.08
CA ALA A 51 8.93 16.30 -33.30
C ALA A 51 9.87 15.32 -32.68
N HIS A 52 11.09 15.77 -32.49
CA HIS A 52 12.07 15.00 -31.69
C HIS A 52 12.70 15.91 -30.63
N ILE A 53 12.34 15.67 -29.36
CA ILE A 53 12.73 16.59 -28.30
C ILE A 53 13.68 15.88 -27.38
N CYS A 54 14.68 16.59 -26.94
CA CYS A 54 15.73 16.03 -26.11
C CYS A 54 15.60 16.61 -24.70
N VAL A 55 15.57 15.76 -23.70
CA VAL A 55 15.59 16.22 -22.32
C VAL A 55 16.96 15.83 -21.75
N VAL A 56 17.70 16.81 -21.28
CA VAL A 56 18.95 16.53 -20.63
C VAL A 56 18.77 16.69 -19.09
N GLY A 57 19.00 15.60 -18.37
CA GLY A 57 18.87 15.52 -16.90
C GLY A 57 17.47 15.03 -16.55
N ILE A 58 17.34 13.78 -16.09
CA ILE A 58 16.06 13.20 -15.83
C ILE A 58 15.78 13.21 -14.32
N GLY A 59 15.75 14.40 -13.72
CA GLY A 59 15.53 14.48 -12.29
C GLY A 59 14.34 15.25 -11.87
N GLY A 60 14.51 16.13 -10.88
CA GLY A 60 13.36 16.78 -10.28
C GLY A 60 12.53 17.58 -11.27
N VAL A 61 13.19 18.09 -12.27
CA VAL A 61 12.51 18.86 -13.31
C VAL A 61 12.35 18.02 -14.59
N GLY A 62 13.45 17.38 -15.00
CA GLY A 62 13.44 16.69 -16.29
C GLY A 62 12.61 15.46 -16.39
N SER A 63 12.49 14.76 -15.28
CA SER A 63 11.59 13.62 -15.27
C SER A 63 10.14 13.95 -15.60
N TRP A 64 9.65 15.02 -15.01
CA TRP A 64 8.27 15.48 -15.30
C TRP A 64 8.16 16.09 -16.73
N ALA A 65 9.25 16.74 -17.22
CA ALA A 65 9.27 17.23 -18.59
C ALA A 65 9.09 16.09 -19.52
N ALA A 66 9.85 15.02 -19.27
CA ALA A 66 9.70 13.83 -20.09
C ALA A 66 8.32 13.20 -20.12
N GLU A 67 7.72 13.04 -18.96
CA GLU A 67 6.35 12.58 -18.77
C GLU A 67 5.38 13.40 -19.60
N ALA A 68 5.54 14.73 -19.50
CA ALA A 68 4.67 15.67 -20.17
C ALA A 68 4.81 15.63 -21.72
N LEU A 69 6.02 15.50 -22.18
CA LEU A 69 6.27 15.32 -23.64
C LEU A 69 5.57 14.07 -24.15
N ALA A 70 5.77 12.97 -23.46
CA ALA A 70 5.10 11.76 -23.83
C ALA A 70 3.59 11.82 -23.89
N ARG A 71 2.98 12.41 -22.88
CA ARG A 71 1.54 12.53 -22.76
C ARG A 71 0.99 13.61 -23.67
N THR A 72 1.85 14.30 -24.42
CA THR A 72 1.34 15.33 -25.35
C THR A 72 1.66 14.92 -26.80
N GLY A 73 1.94 13.63 -26.96
CA GLY A 73 2.01 13.08 -28.27
C GLY A 73 3.27 13.44 -29.04
N ILE A 74 4.33 13.79 -28.33
CA ILE A 74 5.65 14.00 -28.99
C ILE A 74 6.16 12.61 -29.41
N GLY A 75 6.48 12.53 -30.69
CA GLY A 75 6.76 11.29 -31.37
C GLY A 75 8.14 10.71 -31.20
N ALA A 76 9.08 11.51 -30.78
CA ALA A 76 10.40 11.05 -30.54
C ALA A 76 10.96 11.79 -29.39
N ILE A 77 11.58 11.09 -28.47
CA ILE A 77 12.12 11.77 -27.28
C ILE A 77 13.46 11.11 -26.99
N THR A 78 14.48 11.92 -26.77
CA THR A 78 15.77 11.46 -26.34
C THR A 78 15.99 11.92 -24.88
N LEU A 79 16.49 11.01 -24.09
CA LEU A 79 16.76 11.22 -22.67
C LEU A 79 18.28 11.07 -22.39
N ILE A 80 18.90 12.14 -21.86
CA ILE A 80 20.35 12.14 -21.54
C ILE A 80 20.57 12.33 -20.04
N ASP A 81 21.12 11.28 -19.41
CA ASP A 81 21.54 11.23 -17.99
C ASP A 81 22.26 9.87 -17.72
N MSE A 82 23.18 9.81 -16.75
CA MSE A 82 23.82 8.60 -16.38
C MSE A 82 23.60 8.29 -14.93
O MSE A 82 24.11 7.32 -14.39
CB MSE A 82 25.35 8.70 -16.71
CG MSE A 82 26.05 7.34 -16.61
SE MSE A 82 27.99 7.61 -17.02
CE MSE A 82 28.33 9.15 -15.86
N ASP A 83 22.80 9.08 -14.23
CA ASP A 83 22.63 8.84 -12.79
C ASP A 83 21.60 7.71 -12.62
N ASP A 84 21.56 7.17 -11.42
CA ASP A 84 20.67 6.11 -11.05
C ASP A 84 19.58 6.65 -10.13
N VAL A 85 18.44 5.96 -10.09
CA VAL A 85 17.36 6.27 -9.16
C VAL A 85 17.83 5.99 -7.74
N CYS A 86 17.76 7.01 -6.89
CA CYS A 86 18.10 6.90 -5.47
CA CYS A 86 18.11 6.89 -5.47
C CYS A 86 16.84 7.07 -4.65
N VAL A 87 16.73 6.36 -3.52
CA VAL A 87 15.54 6.53 -2.61
C VAL A 87 15.28 7.98 -2.23
N THR A 88 16.34 8.77 -2.16
CA THR A 88 16.23 10.20 -1.78
C THR A 88 15.55 11.06 -2.89
N ASN A 89 15.41 10.47 -4.10
CA ASN A 89 14.71 11.12 -5.25
C ASN A 89 13.19 11.11 -5.04
N THR A 90 12.69 10.37 -4.04
CA THR A 90 11.23 10.07 -3.90
C THR A 90 10.38 11.29 -3.78
N ASN A 91 10.91 12.35 -3.16
CA ASN A 91 10.13 13.54 -2.93
C ASN A 91 9.80 14.34 -4.19
N ARG A 92 10.52 14.13 -5.31
CA ARG A 92 10.36 15.01 -6.42
C ARG A 92 10.63 14.43 -7.80
N GLN A 93 10.76 13.10 -7.96
CA GLN A 93 11.05 12.52 -9.27
C GLN A 93 10.07 11.40 -9.64
N ILE A 94 9.51 11.44 -10.85
CA ILE A 94 8.35 10.62 -11.19
C ILE A 94 8.78 9.15 -11.34
N HIS A 95 10.05 8.94 -11.63
CA HIS A 95 10.59 7.54 -11.75
C HIS A 95 11.03 6.90 -10.41
N ALA A 96 11.00 7.65 -9.32
CA ALA A 96 11.47 7.19 -8.00
C ALA A 96 10.37 6.39 -7.32
N LEU A 97 10.46 5.07 -7.52
CA LEU A 97 9.62 4.10 -6.90
C LEU A 97 10.57 3.01 -6.34
N ARG A 98 10.05 2.30 -5.36
CA ARG A 98 10.75 1.23 -4.62
C ARG A 98 11.43 0.28 -5.59
N ASP A 99 10.69 -0.21 -6.59
CA ASP A 99 11.24 -1.16 -7.55
C ASP A 99 12.25 -0.59 -8.50
N ASN A 100 12.37 0.75 -8.62
CA ASN A 100 13.32 1.30 -9.56
C ASN A 100 14.61 1.71 -8.91
N VAL A 101 14.62 1.74 -7.60
CA VAL A 101 15.80 2.23 -6.91
C VAL A 101 17.00 1.41 -7.32
N GLY A 102 18.06 2.10 -7.73
CA GLY A 102 19.29 1.47 -8.16
C GLY A 102 19.33 1.21 -9.63
N LEU A 103 18.28 1.53 -10.37
CA LEU A 103 18.38 1.44 -11.83
C LEU A 103 18.66 2.77 -12.50
N ALA A 104 19.06 2.76 -13.74
CA ALA A 104 19.40 3.97 -14.39
C ALA A 104 18.14 4.85 -14.66
N LYS A 105 18.19 6.12 -14.24
CA LYS A 105 17.02 7.03 -14.41
C LYS A 105 16.53 7.05 -15.88
N ALA A 106 17.44 7.22 -16.83
CA ALA A 106 17.01 7.40 -18.21
C ALA A 106 16.32 6.19 -18.78
N GLU A 107 16.91 5.03 -18.51
CA GLU A 107 16.29 3.77 -18.87
C GLU A 107 14.94 3.50 -18.22
N VAL A 108 14.82 3.76 -16.92
CA VAL A 108 13.55 3.61 -16.22
C VAL A 108 12.46 4.54 -16.87
N MSE A 109 12.87 5.77 -17.12
CA MSE A 109 11.94 6.76 -17.73
C MSE A 109 11.57 6.36 -19.15
O MSE A 109 10.41 6.51 -19.57
CB MSE A 109 12.57 8.13 -17.68
CG MSE A 109 11.56 9.23 -18.09
SE MSE A 109 10.36 9.52 -16.57
CE MSE A 109 8.81 9.74 -17.72
N ALA A 110 12.54 5.88 -19.93
CA ALA A 110 12.27 5.35 -21.22
C ALA A 110 11.23 4.24 -21.22
N GLU A 111 11.41 3.27 -20.38
CA GLU A 111 10.44 2.19 -20.26
C GLU A 111 9.01 2.73 -19.93
N ARG A 112 8.94 3.72 -19.07
CA ARG A 112 7.63 4.30 -18.75
C ARG A 112 7.02 5.02 -19.96
N ILE A 113 7.82 5.77 -20.71
CA ILE A 113 7.31 6.45 -21.91
C ILE A 113 6.76 5.40 -22.90
N ARG A 114 7.44 4.27 -23.02
CA ARG A 114 6.95 3.20 -23.87
C ARG A 114 5.60 2.62 -23.41
N GLN A 115 5.32 2.71 -22.14
CA GLN A 115 4.01 2.37 -21.60
C GLN A 115 2.93 3.45 -21.82
N ILE A 116 3.34 4.69 -21.81
CA ILE A 116 2.45 5.77 -22.15
C ILE A 116 2.08 5.75 -23.65
N ASN A 117 3.10 5.65 -24.53
CA ASN A 117 2.93 5.65 -25.96
C ASN A 117 3.93 4.66 -26.58
N PRO A 118 3.46 3.43 -26.85
CA PRO A 118 4.31 2.42 -27.44
C PRO A 118 4.86 2.80 -28.77
N GLU A 119 4.24 3.77 -29.47
CA GLU A 119 4.72 4.22 -30.77
C GLU A 119 5.66 5.40 -30.71
N CYS A 120 5.99 5.92 -29.51
CA CYS A 120 6.91 6.97 -29.43
C CYS A 120 8.31 6.34 -29.61
N ARG A 121 9.19 6.99 -30.32
CA ARG A 121 10.57 6.52 -30.52
C ARG A 121 11.46 7.17 -29.48
N VAL A 122 11.93 6.38 -28.54
CA VAL A 122 12.62 6.88 -27.35
C VAL A 122 14.09 6.49 -27.43
N THR A 123 15.00 7.46 -27.36
CA THR A 123 16.41 7.18 -27.39
C THR A 123 16.99 7.47 -26.03
N VAL A 124 17.71 6.50 -25.44
CA VAL A 124 18.43 6.68 -24.18
C VAL A 124 19.95 6.94 -24.43
N VAL A 125 20.48 8.06 -23.96
CA VAL A 125 21.91 8.32 -23.98
C VAL A 125 22.37 8.21 -22.54
N ASP A 126 22.99 7.09 -22.19
CA ASP A 126 23.43 6.78 -20.85
C ASP A 126 24.81 7.45 -20.65
N ASP A 127 24.77 8.76 -20.48
CA ASP A 127 25.97 9.56 -20.36
C ASP A 127 25.57 10.92 -19.76
N PHE A 128 26.58 11.67 -19.37
CA PHE A 128 26.42 13.08 -19.04
C PHE A 128 26.92 13.92 -20.19
N VAL A 129 26.27 15.06 -20.42
CA VAL A 129 26.69 16.05 -21.39
C VAL A 129 27.94 16.75 -20.73
N THR A 130 28.95 16.96 -21.53
CA THR A 130 30.19 17.53 -21.06
C THR A 130 30.59 18.52 -22.19
N PRO A 131 31.47 19.47 -21.88
CA PRO A 131 31.98 20.32 -22.95
C PRO A 131 32.61 19.53 -24.12
N ASP A 132 33.09 18.33 -23.86
CA ASP A 132 33.63 17.52 -24.95
C ASP A 132 32.69 16.63 -25.76
N ASN A 133 31.49 16.35 -25.29
CA ASN A 133 30.60 15.54 -26.05
C ASN A 133 29.35 16.30 -26.52
N VAL A 134 29.20 17.54 -26.09
CA VAL A 134 27.99 18.33 -26.37
C VAL A 134 27.66 18.40 -27.85
N ALA A 135 28.66 18.71 -28.67
CA ALA A 135 28.45 18.79 -30.10
C ALA A 135 27.91 17.51 -30.70
N GLN A 136 28.45 16.37 -30.29
CA GLN A 136 28.04 15.10 -30.88
C GLN A 136 26.60 14.80 -30.50
N TYR A 137 26.27 15.05 -29.24
CA TYR A 137 24.89 14.78 -28.72
C TYR A 137 23.88 15.78 -29.26
N MSE A 138 24.27 17.04 -29.46
CA MSE A 138 23.36 18.06 -30.02
C MSE A 138 23.37 18.08 -31.52
O MSE A 138 22.54 18.74 -32.12
CB MSE A 138 23.71 19.45 -29.55
CG MSE A 138 23.62 19.63 -28.05
SE MSE A 138 21.72 19.26 -27.48
CE MSE A 138 22.15 17.56 -26.53
N SER A 139 24.28 17.34 -32.16
CA SER A 139 24.35 17.27 -33.67
C SER A 139 23.16 16.58 -34.30
N VAL A 140 22.22 16.09 -33.50
CA VAL A 140 21.14 15.25 -34.00
C VAL A 140 20.06 16.02 -34.75
N GLY A 141 19.92 17.33 -34.60
CA GLY A 141 18.78 18.01 -35.20
C GLY A 141 17.46 17.92 -34.44
N TYR A 142 17.49 18.20 -33.15
CA TYR A 142 16.27 18.23 -32.33
C TYR A 142 15.35 19.38 -32.65
N SER A 143 14.03 19.13 -32.56
CA SER A 143 13.03 20.20 -32.54
C SER A 143 13.25 21.17 -31.41
N TYR A 144 13.71 20.62 -30.31
CA TYR A 144 13.79 21.37 -29.04
C TYR A 144 14.68 20.58 -28.07
N VAL A 145 15.39 21.33 -27.24
CA VAL A 145 16.11 20.83 -26.16
C VAL A 145 15.61 21.44 -24.84
N ILE A 146 15.36 20.57 -23.88
CA ILE A 146 14.93 20.94 -22.51
C ILE A 146 16.08 20.62 -21.59
N ASP A 147 16.71 21.69 -21.11
CA ASP A 147 17.85 21.52 -20.22
C ASP A 147 17.40 21.55 -18.77
N ALA A 148 17.54 20.41 -18.10
CA ALA A 148 17.13 20.26 -16.69
C ALA A 148 18.29 19.71 -15.87
N ILE A 149 19.52 20.12 -16.24
CA ILE A 149 20.63 19.64 -15.45
C ILE A 149 20.98 20.61 -14.32
N ASP A 150 21.61 20.09 -13.29
CA ASP A 150 21.93 20.91 -12.11
C ASP A 150 23.36 21.40 -12.12
N SER A 151 24.26 20.64 -12.73
CA SER A 151 25.70 20.94 -12.75
C SER A 151 26.01 22.07 -13.63
N VAL A 152 26.62 23.10 -13.03
CA VAL A 152 26.68 24.41 -13.67
C VAL A 152 27.64 24.43 -14.84
N ARG A 153 28.79 23.77 -14.73
CA ARG A 153 29.76 23.89 -15.83
C ARG A 153 29.21 23.24 -17.15
N PRO A 154 28.79 22.02 -17.12
CA PRO A 154 28.15 21.45 -18.30
C PRO A 154 26.86 22.10 -18.77
N LYS A 155 26.08 22.64 -17.84
CA LYS A 155 24.90 23.45 -18.13
C LYS A 155 25.22 24.66 -18.93
N ALA A 156 26.28 25.38 -18.54
CA ALA A 156 26.76 26.46 -19.37
C ALA A 156 27.19 25.93 -20.69
N ALA A 157 27.93 24.83 -20.73
CA ALA A 157 28.41 24.35 -22.04
C ALA A 157 27.22 24.02 -22.98
N LEU A 158 26.18 23.42 -22.40
CA LEU A 158 25.02 23.02 -23.20
C LEU A 158 24.28 24.23 -23.73
N ILE A 159 24.05 25.20 -22.87
CA ILE A 159 23.34 26.38 -23.26
C ILE A 159 24.15 27.13 -24.31
N ALA A 160 25.44 27.30 -24.05
CA ALA A 160 26.26 28.07 -25.02
C ALA A 160 26.25 27.37 -26.36
N TYR A 161 26.36 26.05 -26.38
CA TYR A 161 26.32 25.33 -27.63
C TYR A 161 25.04 25.54 -28.39
N CYS A 162 23.90 25.33 -27.72
CA CYS A 162 22.65 25.47 -28.37
C CYS A 162 22.41 26.89 -28.84
N ARG A 163 22.78 27.89 -28.02
CA ARG A 163 22.55 29.27 -28.38
C ARG A 163 23.30 29.65 -29.70
N ARG A 164 24.58 29.34 -29.75
CA ARG A 164 25.45 29.59 -30.97
C ARG A 164 24.88 28.89 -32.23
N ASN A 165 24.37 27.69 -32.04
CA ASN A 165 23.91 26.85 -33.15
C ASN A 165 22.46 27.06 -33.48
N LYS A 166 21.82 28.01 -32.81
CA LYS A 166 20.38 28.31 -33.00
C LYS A 166 19.52 27.10 -32.78
N ILE A 167 19.92 26.28 -31.88
CA ILE A 167 19.13 25.15 -31.49
C ILE A 167 18.08 25.62 -30.45
N PRO A 168 16.81 25.33 -30.74
CA PRO A 168 15.76 25.75 -29.81
C PRO A 168 15.95 25.05 -28.47
N LEU A 169 16.03 25.86 -27.44
CA LEU A 169 16.31 25.38 -26.09
C LEU A 169 15.51 26.17 -25.06
N VAL A 170 15.13 25.48 -24.02
CA VAL A 170 14.58 26.10 -22.82
C VAL A 170 15.33 25.51 -21.69
N THR A 171 15.78 26.38 -20.81
CA THR A 171 16.47 25.94 -19.68
C THR A 171 15.61 26.26 -18.44
N THR A 172 16.09 25.91 -17.28
CA THR A 172 15.49 26.34 -16.04
C THR A 172 16.53 26.63 -14.98
N GLY A 173 16.19 27.53 -14.09
CA GLY A 173 16.97 27.78 -12.89
C GLY A 173 16.74 26.74 -11.82
N GLY A 174 17.07 27.07 -10.58
CA GLY A 174 16.98 26.15 -9.48
C GLY A 174 15.53 25.99 -9.07
N ALA A 175 15.12 24.76 -8.93
CA ALA A 175 13.71 24.46 -8.59
C ALA A 175 13.52 24.08 -7.08
N GLY A 176 14.64 23.97 -6.36
CA GLY A 176 14.63 23.61 -4.92
C GLY A 176 14.39 24.89 -4.11
N GLY A 177 14.07 24.70 -2.82
CA GLY A 177 13.93 25.84 -1.89
C GLY A 177 12.75 26.68 -2.21
N GLN A 178 11.71 26.04 -2.78
CA GLN A 178 10.55 26.73 -3.25
C GLN A 178 9.31 25.91 -3.00
N ILE A 179 8.24 26.54 -2.49
CA ILE A 179 6.98 25.83 -2.18
C ILE A 179 5.74 26.28 -3.00
N ASP A 180 5.88 27.29 -3.85
CA ASP A 180 4.75 27.92 -4.49
C ASP A 180 4.77 27.76 -6.00
N PRO A 181 3.99 26.80 -6.54
CA PRO A 181 4.02 26.58 -7.95
C PRO A 181 3.40 27.68 -8.79
N THR A 182 2.70 28.62 -8.17
CA THR A 182 1.99 29.72 -8.93
C THR A 182 2.96 30.84 -9.28
N GLN A 183 4.21 30.81 -8.79
CA GLN A 183 5.15 31.90 -9.03
C GLN A 183 6.16 31.60 -10.16
N ILE A 184 5.98 30.43 -10.79
CA ILE A 184 6.86 29.95 -11.85
C ILE A 184 6.47 30.65 -13.19
N GLN A 185 7.47 31.09 -13.97
CA GLN A 185 7.21 31.75 -15.21
C GLN A 185 8.49 31.76 -16.04
N VAL A 186 8.45 32.44 -17.18
CA VAL A 186 9.52 32.36 -18.17
C VAL A 186 10.03 33.73 -18.42
N THR A 187 11.36 33.87 -18.41
CA THR A 187 11.97 35.13 -18.82
C THR A 187 13.31 34.84 -19.49
N ASP A 188 13.99 35.87 -19.94
CA ASP A 188 15.36 35.69 -20.38
C ASP A 188 16.23 35.36 -19.19
N LEU A 189 17.15 34.45 -19.40
CA LEU A 189 18.13 34.07 -18.40
C LEU A 189 18.80 35.24 -17.72
N ALA A 190 18.98 36.37 -18.38
CA ALA A 190 19.67 37.54 -17.69
C ALA A 190 18.85 38.09 -16.53
N LYS A 191 17.55 37.76 -16.48
CA LYS A 191 16.58 38.45 -15.66
C LYS A 191 16.01 37.68 -14.56
N THR A 192 16.48 36.48 -14.32
CA THR A 192 15.97 35.73 -13.23
C THR A 192 16.24 36.36 -11.90
N ILE A 193 15.41 36.07 -10.89
CA ILE A 193 15.68 36.47 -9.52
C ILE A 193 15.58 35.27 -8.57
N GLN A 194 16.06 35.44 -7.35
CA GLN A 194 16.02 34.45 -6.30
C GLN A 194 16.40 33.05 -6.81
N ASP A 195 17.54 32.98 -7.48
CA ASP A 195 17.95 31.77 -8.15
C ASP A 195 19.48 31.71 -8.20
N PRO A 196 20.07 31.18 -7.04
CA PRO A 196 21.54 31.11 -7.10
C PRO A 196 22.06 30.30 -8.26
N LEU A 197 21.38 29.25 -8.65
CA LEU A 197 21.88 28.48 -9.78
C LEU A 197 21.95 29.31 -11.03
N ALA A 198 20.85 29.97 -11.38
CA ALA A 198 20.91 30.80 -12.57
C ALA A 198 22.04 31.81 -12.44
N ALA A 199 22.34 32.32 -11.24
CA ALA A 199 23.36 33.36 -11.10
C ALA A 199 24.72 32.82 -11.44
N LYS A 200 25.00 31.62 -10.93
CA LYS A 200 26.28 30.94 -11.23
C LYS A 200 26.39 30.63 -12.68
N LEU A 201 25.26 30.20 -13.25
CA LEU A 201 25.22 29.89 -14.66
C LEU A 201 25.64 31.06 -15.54
N ARG A 202 25.04 32.23 -15.31
CA ARG A 202 25.48 33.44 -15.92
C ARG A 202 27.00 33.74 -15.71
N GLU A 203 27.53 33.60 -14.50
CA GLU A 203 28.96 33.80 -14.28
C GLU A 203 29.78 32.87 -15.16
N ARG A 204 29.40 31.59 -15.18
CA ARG A 204 30.13 30.59 -15.98
C ARG A 204 30.00 30.78 -17.50
N LEU A 205 28.82 31.20 -17.97
CA LEU A 205 28.65 31.52 -19.37
C LEU A 205 29.64 32.65 -19.77
N LYS A 206 29.81 33.59 -18.86
CA LYS A 206 30.67 34.74 -19.08
C LYS A 206 32.11 34.23 -19.08
N SER A 207 32.51 33.58 -18.01
CA SER A 207 33.88 33.30 -17.80
C SER A 207 34.39 32.26 -18.78
N ASP A 208 33.56 31.28 -19.14
CA ASP A 208 33.97 30.12 -19.95
C ASP A 208 33.59 30.15 -21.42
N PHE A 209 32.64 30.97 -21.83
CA PHE A 209 32.20 30.99 -23.23
C PHE A 209 32.07 32.41 -23.76
N GLY A 210 32.55 33.37 -23.00
CA GLY A 210 32.32 34.74 -23.32
C GLY A 210 30.91 35.05 -23.69
N VAL A 211 29.91 34.34 -23.14
CA VAL A 211 28.53 34.67 -23.44
C VAL A 211 28.09 35.70 -22.43
N VAL A 212 27.69 36.86 -22.92
CA VAL A 212 27.29 37.95 -22.06
C VAL A 212 26.10 38.69 -22.64
N LYS A 213 25.43 39.46 -21.80
CA LYS A 213 24.27 40.28 -22.17
C LYS A 213 24.52 41.11 -23.38
N ASN A 214 23.52 41.21 -24.23
CA ASN A 214 23.65 42.04 -25.39
C ASN A 214 23.25 43.44 -24.98
N SER A 215 23.04 44.34 -25.95
CA SER A 215 22.77 45.77 -25.61
C SER A 215 21.46 45.90 -24.87
N LYS A 216 20.46 45.08 -25.26
CA LYS A 216 19.14 45.07 -24.57
C LYS A 216 19.10 44.34 -23.19
N GLY A 217 20.23 43.89 -22.66
CA GLY A 217 20.21 43.25 -21.31
C GLY A 217 19.84 41.77 -21.33
N LYS A 218 19.88 41.16 -22.48
CA LYS A 218 19.45 39.78 -22.64
C LYS A 218 20.53 38.90 -23.05
N LEU A 219 20.45 37.66 -22.61
CA LEU A 219 21.32 36.63 -23.07
C LEU A 219 20.78 35.86 -24.26
N GLY A 220 19.53 36.06 -24.63
CA GLY A 220 18.88 35.24 -25.67
C GLY A 220 18.72 33.76 -25.31
N VAL A 221 18.47 33.47 -24.02
CA VAL A 221 18.26 32.14 -23.57
C VAL A 221 16.96 32.16 -22.72
N ASP A 222 15.95 31.37 -23.07
CA ASP A 222 14.65 31.34 -22.30
C ASP A 222 14.84 30.47 -21.10
N CYS A 223 14.40 30.95 -19.94
CA CYS A 223 14.70 30.27 -18.69
C CYS A 223 13.41 30.27 -17.85
N VAL A 224 13.05 29.10 -17.40
CA VAL A 224 11.90 28.95 -16.47
C VAL A 224 12.43 29.33 -15.07
N PHE A 225 11.83 30.31 -14.41
CA PHE A 225 12.28 30.60 -13.03
C PHE A 225 11.06 30.84 -12.14
N SER A 226 11.28 31.28 -10.92
CA SER A 226 10.18 31.71 -10.06
C SER A 226 10.52 32.97 -9.30
N THR A 227 9.54 33.80 -9.11
CA THR A 227 9.69 35.02 -8.33
C THR A 227 9.75 34.74 -6.83
N GLU A 228 9.56 33.48 -6.41
CA GLU A 228 9.36 33.19 -4.99
C GLU A 228 10.65 33.41 -4.20
N ALA A 229 10.56 33.93 -2.96
CA ALA A 229 11.73 34.05 -2.13
C ALA A 229 12.16 32.66 -1.70
N LEU A 230 13.43 32.39 -1.76
CA LEU A 230 13.92 31.04 -1.39
C LEU A 230 13.64 30.68 0.08
N VAL A 231 13.35 29.40 0.28
CA VAL A 231 13.16 28.80 1.57
C VAL A 231 14.40 28.00 1.87
N TYR A 232 15.12 28.37 2.93
CA TYR A 232 16.46 27.88 3.14
C TYR A 232 16.42 26.55 3.86
N PRO A 233 17.51 25.82 3.87
CA PRO A 233 17.42 24.47 4.50
C PRO A 233 16.95 24.47 5.96
N GLN A 234 15.85 23.77 6.19
CA GLN A 234 15.30 23.47 7.49
C GLN A 234 15.96 22.12 7.92
N SER A 235 16.00 21.80 9.20
CA SER A 235 16.82 20.61 9.66
C SER A 235 18.23 20.46 9.01
N SER A 256 22.44 18.30 2.87
CA SER A 256 21.90 19.39 3.73
C SER A 256 21.70 20.77 3.04
N GLY A 257 21.60 20.76 1.69
CA GLY A 257 21.29 21.90 0.82
C GLY A 257 19.77 22.11 0.80
N PHE A 258 19.29 22.86 -0.19
CA PHE A 258 17.86 23.20 -0.27
C PHE A 258 17.01 21.94 -0.45
N GLY A 259 15.81 21.93 0.12
CA GLY A 259 14.87 20.87 -0.14
C GLY A 259 14.09 21.15 -1.44
N ALA A 260 13.09 20.34 -1.70
CA ALA A 260 12.32 20.45 -2.96
C ALA A 260 11.05 19.69 -2.77
N ALA A 261 10.03 20.06 -3.55
CA ALA A 261 8.75 19.39 -3.56
C ALA A 261 8.32 19.12 -5.02
N THR A 262 7.67 17.95 -5.23
CA THR A 262 7.02 17.59 -6.51
C THR A 262 6.26 18.77 -7.10
N MSE A 263 5.45 19.40 -6.26
CA MSE A 263 4.47 20.35 -6.78
C MSE A 263 5.18 21.47 -7.50
O MSE A 263 4.63 22.03 -8.44
CB MSE A 263 3.62 20.93 -5.67
CG MSE A 263 2.72 19.93 -4.94
SE MSE A 263 3.64 18.78 -3.64
CE MSE A 263 3.89 20.15 -2.20
N VAL A 264 6.42 21.83 -7.06
CA VAL A 264 7.15 22.91 -7.67
C VAL A 264 8.09 22.40 -8.79
N THR A 265 8.85 21.35 -8.54
CA THR A 265 9.88 20.95 -9.47
C THR A 265 9.21 20.41 -10.73
N ALA A 266 8.14 19.65 -10.55
CA ALA A 266 7.38 19.19 -11.72
C ALA A 266 6.74 20.30 -12.53
N THR A 267 6.25 21.33 -11.86
CA THR A 267 5.65 22.49 -12.56
C THR A 267 6.71 23.21 -13.34
N PHE A 268 7.94 23.32 -12.82
CA PHE A 268 9.07 23.81 -13.64
C PHE A 268 9.11 23.05 -14.97
N GLY A 269 9.10 21.73 -14.91
CA GLY A 269 9.23 20.94 -16.11
C GLY A 269 8.04 21.11 -17.05
N PHE A 270 6.83 21.18 -16.46
CA PHE A 270 5.62 21.40 -17.21
C PHE A 270 5.58 22.75 -17.90
N VAL A 271 6.07 23.79 -17.26
CA VAL A 271 6.11 25.11 -17.84
C VAL A 271 7.19 25.13 -18.99
N ALA A 272 8.31 24.39 -18.78
CA ALA A 272 9.27 24.25 -19.86
C ALA A 272 8.66 23.60 -21.13
N VAL A 273 7.93 22.51 -20.96
CA VAL A 273 7.29 21.84 -22.08
C VAL A 273 6.25 22.75 -22.70
N SER A 274 5.39 23.37 -21.92
CA SER A 274 4.40 24.23 -22.52
C SER A 274 5.03 25.34 -23.34
N HIS A 275 6.10 25.89 -22.83
CA HIS A 275 6.80 26.99 -23.54
C HIS A 275 7.38 26.49 -24.86
N ALA A 276 8.04 25.32 -24.83
CA ALA A 276 8.64 24.74 -26.05
C ALA A 276 7.57 24.44 -27.11
N LEU A 277 6.42 23.85 -26.72
CA LEU A 277 5.40 23.50 -27.66
C LEU A 277 4.79 24.76 -28.23
N LYS A 278 4.69 25.77 -27.42
CA LYS A 278 4.13 27.02 -27.88
C LYS A 278 5.01 27.66 -28.93
N LYS A 279 6.29 27.68 -28.67
CA LYS A 279 7.25 28.21 -29.62
C LYS A 279 7.33 27.42 -30.90
N MSE A 280 7.32 26.10 -30.78
CA MSE A 280 7.24 25.28 -31.97
C MSE A 280 6.03 25.51 -32.83
O MSE A 280 6.11 25.56 -34.07
CB MSE A 280 7.20 23.79 -31.62
CG MSE A 280 8.53 23.45 -31.12
SE MSE A 280 8.45 21.68 -30.20
CE MSE A 280 7.60 20.70 -31.67
N MSE A 281 4.86 25.65 -32.22
CA MSE A 281 3.65 26.01 -32.95
C MSE A 281 3.72 27.38 -33.59
O MSE A 281 3.26 27.53 -34.75
CB MSE A 281 2.37 25.89 -32.07
CG MSE A 281 2.05 24.44 -31.82
SE MSE A 281 0.61 24.30 -30.45
CE MSE A 281 -0.72 25.50 -31.28
N ALA A 282 4.34 28.36 -32.93
CA ALA A 282 4.38 29.68 -33.47
C ALA A 282 5.32 29.72 -34.70
N LYS A 283 6.44 29.03 -34.61
CA LYS A 283 7.41 28.99 -35.69
C LYS A 283 6.74 28.29 -36.90
N ALA A 284 5.99 27.21 -36.64
CA ALA A 284 5.25 26.52 -37.72
C ALA A 284 4.24 27.44 -38.45
N ALA A 285 3.54 28.25 -37.70
CA ALA A 285 2.54 29.13 -38.28
C ALA A 285 3.16 30.25 -39.07
N ARG A 286 4.35 30.63 -38.68
CA ARG A 286 5.06 31.74 -39.24
C ARG A 286 5.59 31.29 -40.57
N GLN A 287 6.02 30.04 -40.61
CA GLN A 287 6.66 29.45 -41.74
C GLN A 287 5.67 29.34 -42.92
N SER B 22 1.79 10.25 15.77
CA SER B 22 1.02 8.99 15.55
C SER B 22 1.59 8.10 14.40
N VAL B 23 2.39 8.64 13.50
CA VAL B 23 3.23 7.76 12.69
C VAL B 23 4.59 7.96 13.27
N VAL B 24 5.30 6.87 13.53
CA VAL B 24 6.67 6.97 13.97
C VAL B 24 7.49 6.95 12.68
N ILE B 25 8.12 8.08 12.38
CA ILE B 25 8.94 8.21 11.18
C ILE B 25 10.18 7.29 11.16
N SER B 26 10.17 6.30 10.30
CA SER B 26 11.24 5.35 10.21
C SER B 26 12.45 5.98 9.55
N ASP B 27 13.58 5.26 9.56
CA ASP B 27 14.78 5.76 8.95
C ASP B 27 14.59 5.74 7.46
N ALA B 28 13.92 4.70 6.97
CA ALA B 28 13.55 4.63 5.55
C ALA B 28 12.66 5.85 5.08
N TRP B 29 11.64 6.17 5.85
CA TRP B 29 10.81 7.34 5.60
C TRP B 29 11.69 8.59 5.52
N ARG B 30 12.61 8.76 6.47
CA ARG B 30 13.56 9.87 6.44
C ARG B 30 14.46 9.95 5.21
N GLN B 31 14.90 8.80 4.74
CA GLN B 31 15.59 8.67 3.44
C GLN B 31 14.70 9.14 2.31
N ARG B 32 13.43 8.69 2.29
CA ARG B 32 12.55 9.00 1.15
C ARG B 32 12.29 10.49 1.14
N PHE B 33 12.02 11.02 2.32
CA PHE B 33 11.50 12.36 2.48
C PHE B 33 12.44 13.35 3.14
N GLY B 34 13.73 13.11 3.09
CA GLY B 34 14.66 14.10 3.65
C GLY B 34 14.53 15.49 3.02
N GLY B 35 14.29 15.49 1.72
CA GLY B 35 14.13 16.72 0.97
C GLY B 35 12.90 17.45 1.38
N THR B 36 11.92 16.74 1.86
CA THR B 36 10.67 17.34 2.32
C THR B 36 10.97 18.02 3.66
N ALA B 37 11.69 17.31 4.52
CA ALA B 37 12.13 17.89 5.79
C ALA B 37 12.95 19.18 5.59
N ARG B 38 13.84 19.18 4.57
CA ARG B 38 14.70 20.31 4.30
C ARG B 38 13.94 21.53 3.80
N LEU B 39 12.78 21.28 3.18
CA LEU B 39 11.96 22.33 2.64
C LEU B 39 10.95 22.91 3.63
N TYR B 40 10.25 22.03 4.34
CA TYR B 40 9.15 22.47 5.17
C TYR B 40 9.45 22.40 6.67
N GLY B 41 10.47 21.68 7.06
CA GLY B 41 10.85 21.52 8.48
C GLY B 41 10.45 20.18 9.07
N GLU B 42 11.15 19.78 10.13
CA GLU B 42 10.76 18.58 10.90
C GLU B 42 9.35 18.58 11.46
N LYS B 43 8.86 19.67 11.99
CA LYS B 43 7.51 19.73 12.54
C LYS B 43 6.51 19.46 11.40
N ALA B 44 6.73 20.12 10.27
CA ALA B 44 5.94 19.82 9.09
C ALA B 44 6.02 18.40 8.58
N LEU B 45 7.20 17.80 8.54
CA LEU B 45 7.35 16.44 8.17
C LEU B 45 6.48 15.53 9.03
N GLN B 46 6.43 15.83 10.35
CA GLN B 46 5.63 14.98 11.26
C GLN B 46 4.18 15.25 11.05
N LEU B 47 3.85 16.51 10.87
CA LEU B 47 2.49 16.86 10.61
C LEU B 47 1.91 16.12 9.37
N PHE B 48 2.71 16.09 8.32
CA PHE B 48 2.31 15.42 7.05
C PHE B 48 2.20 13.92 7.35
N ALA B 49 3.17 13.37 8.06
CA ALA B 49 3.17 11.92 8.35
C ALA B 49 1.94 11.55 9.20
N ASP B 50 1.48 12.49 10.02
CA ASP B 50 0.28 12.21 10.82
C ASP B 50 -1.03 12.58 10.12
N ALA B 51 -0.98 13.08 8.86
CA ALA B 51 -2.14 13.64 8.20
C ALA B 51 -2.88 12.52 7.46
N HIS B 52 -4.15 12.79 7.24
CA HIS B 52 -5.00 11.88 6.43
C HIS B 52 -5.75 12.73 5.44
N ILE B 53 -5.35 12.62 4.15
CA ILE B 53 -5.98 13.50 3.13
C ILE B 53 -6.75 12.65 2.17
N CYS B 54 -7.92 13.15 1.80
CA CYS B 54 -8.83 12.46 0.88
C CYS B 54 -8.82 13.16 -0.49
N VAL B 55 -8.66 12.38 -1.55
CA VAL B 55 -8.86 12.92 -2.91
C VAL B 55 -10.04 12.28 -3.55
N VAL B 56 -10.95 13.07 -4.01
CA VAL B 56 -12.18 12.59 -4.62
C VAL B 56 -12.07 12.94 -6.12
N GLY B 57 -12.09 11.90 -6.94
CA GLY B 57 -11.89 11.96 -8.38
C GLY B 57 -10.40 11.82 -8.74
N ILE B 58 -10.00 10.66 -9.25
CA ILE B 58 -8.63 10.34 -9.55
C ILE B 58 -8.43 10.41 -11.06
N GLY B 59 -8.65 11.60 -11.61
CA GLY B 59 -8.71 11.81 -13.08
C GLY B 59 -7.54 12.71 -13.48
N GLY B 60 -7.76 13.65 -14.38
CA GLY B 60 -6.67 14.48 -14.85
C GLY B 60 -6.11 15.51 -13.85
N VAL B 61 -6.93 15.90 -12.89
CA VAL B 61 -6.45 16.73 -11.78
C VAL B 61 -6.10 15.85 -10.56
N GLY B 62 -6.98 14.97 -10.21
CA GLY B 62 -6.83 14.26 -8.93
C GLY B 62 -5.74 13.22 -8.85
N SER B 63 -5.41 12.62 -10.01
CA SER B 63 -4.36 11.63 -9.98
C SER B 63 -2.97 12.30 -9.66
N TRP B 64 -2.72 13.48 -10.21
CA TRP B 64 -1.51 14.24 -9.91
C TRP B 64 -1.52 14.74 -8.50
N ALA B 65 -2.70 15.10 -7.99
CA ALA B 65 -2.81 15.51 -6.57
C ALA B 65 -2.42 14.33 -5.67
N ALA B 66 -2.89 13.14 -5.99
CA ALA B 66 -2.52 11.94 -5.23
C ALA B 66 -1.04 11.66 -5.23
N GLU B 67 -0.44 11.72 -6.41
CA GLU B 67 0.96 11.61 -6.55
C GLU B 67 1.74 12.57 -5.63
N ALA B 68 1.40 13.84 -5.71
CA ALA B 68 2.07 14.88 -4.96
C ALA B 68 1.95 14.66 -3.42
N LEU B 69 0.76 14.24 -2.99
CA LEU B 69 0.57 13.84 -1.58
C LEU B 69 1.50 12.78 -1.12
N ALA B 70 1.59 11.73 -1.90
CA ALA B 70 2.43 10.66 -1.57
C ALA B 70 3.89 11.05 -1.54
N ARG B 71 4.33 11.87 -2.53
CA ARG B 71 5.70 12.27 -2.63
C ARG B 71 6.09 13.38 -1.65
N THR B 72 5.13 13.86 -0.90
CA THR B 72 5.40 14.88 0.15
C THR B 72 5.21 14.30 1.57
N GLY B 73 5.21 12.98 1.68
CA GLY B 73 5.19 12.32 2.98
C GLY B 73 3.89 12.37 3.71
N ILE B 74 2.77 12.48 3.03
CA ILE B 74 1.51 12.44 3.70
C ILE B 74 1.27 10.96 4.09
N GLY B 75 0.90 10.75 5.36
CA GLY B 75 1.03 9.43 5.93
C GLY B 75 -0.19 8.52 5.68
N ALA B 76 -1.33 9.10 5.38
CA ALA B 76 -2.47 8.37 4.96
C ALA B 76 -3.24 9.12 3.90
N ILE B 77 -3.62 8.36 2.89
CA ILE B 77 -4.33 8.90 1.77
C ILE B 77 -5.53 8.03 1.45
N THR B 78 -6.68 8.67 1.33
CA THR B 78 -7.87 8.02 0.77
C THR B 78 -8.18 8.52 -0.64
N LEU B 79 -8.46 7.57 -1.51
CA LEU B 79 -8.90 7.87 -2.89
C LEU B 79 -10.29 7.39 -3.18
N ILE B 80 -11.15 8.30 -3.69
CA ILE B 80 -12.53 7.96 -4.04
C ILE B 80 -12.80 8.11 -5.53
N ASP B 81 -13.12 7.00 -6.17
CA ASP B 81 -13.51 6.95 -7.58
C ASP B 81 -13.99 5.52 -7.89
N MSE B 82 -14.80 5.35 -8.91
CA MSE B 82 -15.16 4.04 -9.35
C MSE B 82 -14.92 3.78 -10.84
O MSE B 82 -15.19 2.68 -11.33
CB MSE B 82 -16.48 3.61 -8.75
CG MSE B 82 -17.76 4.08 -9.35
SE MSE B 82 -19.39 3.09 -8.73
CE MSE B 82 -18.93 1.25 -9.06
N ASP B 83 -14.34 4.73 -11.54
CA ASP B 83 -14.10 4.59 -12.97
C ASP B 83 -12.83 3.83 -13.28
N ASP B 84 -12.74 3.22 -14.45
CA ASP B 84 -11.58 2.55 -14.94
C ASP B 84 -10.68 3.42 -15.78
N VAL B 85 -9.43 3.05 -15.82
CA VAL B 85 -8.40 3.69 -16.69
C VAL B 85 -8.82 3.39 -18.10
N CYS B 86 -8.91 4.46 -18.90
CA CYS B 86 -9.20 4.37 -20.34
CA CYS B 86 -9.21 4.39 -20.32
C CYS B 86 -8.03 4.92 -21.19
N VAL B 87 -7.84 4.36 -22.39
CA VAL B 87 -6.72 4.80 -23.23
C VAL B 87 -6.89 6.27 -23.49
N THR B 88 -8.11 6.80 -23.57
CA THR B 88 -8.27 8.24 -23.82
C THR B 88 -7.79 9.14 -22.63
N ASN B 89 -7.46 8.56 -21.49
CA ASN B 89 -6.98 9.25 -20.35
C ASN B 89 -5.49 9.62 -20.58
N THR B 90 -4.84 9.03 -21.59
CA THR B 90 -3.34 9.02 -21.73
C THR B 90 -2.72 10.41 -21.77
N ASN B 91 -3.44 11.37 -22.34
CA ASN B 91 -2.93 12.72 -22.44
C ASN B 91 -2.82 13.46 -21.14
N ARG B 92 -3.51 13.04 -20.06
CA ARG B 92 -3.56 13.84 -18.88
C ARG B 92 -3.66 13.17 -17.53
N GLN B 93 -3.50 11.82 -17.43
CA GLN B 93 -3.64 11.14 -16.17
C GLN B 93 -2.49 10.23 -15.92
N ILE B 94 -1.88 10.35 -14.74
CA ILE B 94 -0.58 9.71 -14.42
C ILE B 94 -0.63 8.20 -14.38
N HIS B 95 -1.83 7.69 -14.11
CA HIS B 95 -2.13 6.25 -14.01
C HIS B 95 -2.44 5.60 -15.38
N ALA B 96 -2.57 6.40 -16.43
CA ALA B 96 -2.85 5.90 -17.78
C ALA B 96 -1.63 5.43 -18.51
N LEU B 97 -1.46 4.11 -18.48
CA LEU B 97 -0.37 3.38 -19.10
C LEU B 97 -0.99 2.12 -19.70
N ARG B 98 -0.34 1.56 -20.67
CA ARG B 98 -0.93 0.48 -21.48
C ARG B 98 -1.38 -0.66 -20.59
N ASP B 99 -0.56 -1.04 -19.62
CA ASP B 99 -0.90 -2.19 -18.79
C ASP B 99 -1.94 -1.91 -17.75
N ASN B 100 -2.35 -0.64 -17.56
CA ASN B 100 -3.36 -0.30 -16.58
C ASN B 100 -4.71 -0.16 -17.16
N VAL B 101 -4.81 -0.16 -18.48
CA VAL B 101 -6.05 0.12 -19.08
C VAL B 101 -7.08 -0.96 -18.69
N GLY B 102 -8.29 -0.54 -18.35
CA GLY B 102 -9.35 -1.43 -17.88
C GLY B 102 -9.37 -1.71 -16.37
N LEU B 103 -8.30 -1.38 -15.63
CA LEU B 103 -8.27 -1.45 -14.15
C LEU B 103 -8.82 -0.15 -13.54
N ALA B 104 -9.31 -0.28 -12.31
CA ALA B 104 -9.92 0.83 -11.59
C ALA B 104 -8.89 1.87 -11.32
N LYS B 105 -9.23 3.13 -11.58
CA LYS B 105 -8.22 4.25 -11.47
C LYS B 105 -7.68 4.32 -10.05
N ALA B 106 -8.59 4.22 -9.07
CA ALA B 106 -8.19 4.39 -7.66
C ALA B 106 -7.29 3.28 -7.18
N GLU B 107 -7.53 2.04 -7.60
CA GLU B 107 -6.63 0.94 -7.20
C GLU B 107 -5.30 1.02 -7.85
N VAL B 108 -5.28 1.40 -9.13
CA VAL B 108 -4.02 1.58 -9.81
C VAL B 108 -3.23 2.65 -9.09
N MSE B 109 -3.88 3.75 -8.76
CA MSE B 109 -3.15 4.82 -8.08
C MSE B 109 -2.68 4.40 -6.70
O MSE B 109 -1.57 4.77 -6.23
CB MSE B 109 -4.13 5.97 -8.09
CG MSE B 109 -3.49 7.27 -7.69
SE MSE B 109 -2.23 7.89 -9.12
CE MSE B 109 -0.87 8.57 -7.88
N ALA B 110 -3.53 3.69 -5.97
CA ALA B 110 -3.16 3.20 -4.64
C ALA B 110 -1.97 2.33 -4.74
N GLU B 111 -1.91 1.46 -5.77
CA GLU B 111 -0.71 0.59 -5.92
C GLU B 111 0.57 1.39 -6.16
N ARG B 112 0.43 2.43 -6.92
CA ARG B 112 1.57 3.32 -7.19
C ARG B 112 2.03 4.05 -5.92
N ILE B 113 1.09 4.51 -5.10
CA ILE B 113 1.43 5.22 -3.88
C ILE B 113 2.21 4.26 -2.98
N ARG B 114 1.76 3.03 -2.95
CA ARG B 114 2.47 2.00 -2.15
C ARG B 114 3.88 1.78 -2.62
N GLN B 115 4.14 1.99 -3.91
CA GLN B 115 5.49 1.99 -4.48
C GLN B 115 6.36 3.24 -4.20
N ILE B 116 5.70 4.38 -4.06
CA ILE B 116 6.31 5.64 -3.63
C ILE B 116 6.72 5.59 -2.16
N ASN B 117 5.78 5.21 -1.33
CA ASN B 117 5.95 5.18 0.10
C ASN B 117 5.22 3.94 0.64
N PRO B 118 5.95 2.84 0.80
CA PRO B 118 5.38 1.57 1.30
C PRO B 118 4.75 1.72 2.69
N GLU B 119 5.09 2.77 3.38
CA GLU B 119 4.55 2.91 4.69
C GLU B 119 3.37 3.82 4.74
N CYS B 120 2.97 4.41 3.60
CA CYS B 120 1.76 5.20 3.54
C CYS B 120 0.53 4.32 3.71
N ARG B 121 -0.44 4.79 4.45
CA ARG B 121 -1.68 4.02 4.62
C ARG B 121 -2.71 4.49 3.57
N VAL B 122 -2.94 3.71 2.54
CA VAL B 122 -3.81 4.10 1.44
C VAL B 122 -5.07 3.29 1.50
N THR B 123 -6.17 3.99 1.45
CA THR B 123 -7.49 3.37 1.37
C THR B 123 -8.13 3.72 0.08
N VAL B 124 -8.74 2.73 -0.57
CA VAL B 124 -9.50 2.91 -1.81
C VAL B 124 -10.99 2.75 -1.58
N VAL B 125 -11.76 3.80 -1.82
CA VAL B 125 -13.19 3.69 -1.80
C VAL B 125 -13.65 3.56 -3.25
N ASP B 126 -14.22 2.41 -3.57
CA ASP B 126 -14.57 2.09 -4.93
C ASP B 126 -16.02 2.52 -5.13
N ASP B 127 -16.25 3.82 -5.15
CA ASP B 127 -17.56 4.36 -5.20
C ASP B 127 -17.52 5.80 -5.74
N PHE B 128 -18.70 6.30 -6.13
CA PHE B 128 -18.85 7.71 -6.47
C PHE B 128 -19.50 8.41 -5.28
N VAL B 129 -18.99 9.58 -4.91
CA VAL B 129 -19.67 10.41 -3.94
C VAL B 129 -20.98 10.89 -4.55
N THR B 130 -22.09 10.75 -3.80
CA THR B 130 -23.41 11.24 -4.22
C THR B 130 -23.96 12.18 -3.12
N PRO B 131 -24.96 13.01 -3.44
CA PRO B 131 -25.56 13.78 -2.35
C PRO B 131 -26.10 12.94 -1.22
N ASP B 132 -26.46 11.69 -1.46
CA ASP B 132 -26.98 10.89 -0.34
C ASP B 132 -25.91 10.19 0.47
N ASN B 133 -24.73 9.92 -0.08
CA ASN B 133 -23.68 9.29 0.68
C ASN B 133 -22.54 10.23 1.07
N VAL B 134 -22.64 11.50 0.68
CA VAL B 134 -21.49 12.38 0.97
C VAL B 134 -21.18 12.49 2.47
N ALA B 135 -22.21 12.64 3.31
CA ALA B 135 -21.97 12.72 4.77
C ALA B 135 -21.27 11.50 5.33
N GLN B 136 -21.68 10.32 4.91
CA GLN B 136 -21.04 9.12 5.45
C GLN B 136 -19.60 8.97 5.02
N TYR B 137 -19.24 9.45 3.83
CA TYR B 137 -17.82 9.31 3.40
C TYR B 137 -16.91 10.40 3.92
N MSE B 138 -17.47 11.61 4.04
CA MSE B 138 -16.68 12.77 4.46
C MSE B 138 -16.50 12.82 5.95
O MSE B 138 -15.56 13.43 6.44
CB MSE B 138 -17.32 14.09 4.10
CG MSE B 138 -17.29 14.23 2.62
SE MSE B 138 -15.42 14.30 1.97
CE MSE B 138 -15.38 12.45 1.26
N SER B 139 -17.30 12.08 6.68
CA SER B 139 -17.33 12.14 8.11
C SER B 139 -16.25 11.33 8.83
N VAL B 140 -15.35 10.74 8.07
CA VAL B 140 -14.26 9.92 8.60
C VAL B 140 -13.24 10.68 9.47
N GLY B 141 -13.05 11.96 9.22
CA GLY B 141 -12.05 12.72 9.92
C GLY B 141 -10.75 12.91 9.17
N TYR B 142 -10.89 13.53 8.03
CA TYR B 142 -9.76 13.90 7.20
C TYR B 142 -9.10 15.19 7.64
N SER B 143 -7.76 15.24 7.54
CA SER B 143 -7.02 16.51 7.66
C SER B 143 -7.37 17.49 6.56
N TYR B 144 -7.69 16.98 5.36
CA TYR B 144 -7.97 17.82 4.18
C TYR B 144 -8.68 16.96 3.16
N VAL B 145 -9.55 17.61 2.41
CA VAL B 145 -10.21 16.99 1.27
C VAL B 145 -9.84 17.73 0.00
N ILE B 146 -9.40 16.99 -0.99
CA ILE B 146 -9.15 17.59 -2.33
C ILE B 146 -10.24 17.14 -3.25
N ASP B 147 -11.08 18.05 -3.69
CA ASP B 147 -12.19 17.75 -4.61
C ASP B 147 -11.80 17.88 -6.08
N ALA B 148 -11.60 16.77 -6.79
CA ALA B 148 -11.23 16.82 -8.22
C ALA B 148 -12.26 16.12 -9.10
N ILE B 149 -13.52 16.15 -8.70
CA ILE B 149 -14.63 15.58 -9.43
C ILE B 149 -15.07 16.55 -10.53
N ASP B 150 -15.56 16.02 -11.63
CA ASP B 150 -16.12 16.89 -12.68
C ASP B 150 -17.67 17.03 -12.64
N SER B 151 -18.42 16.05 -12.17
CA SER B 151 -19.92 16.15 -12.17
C SER B 151 -20.47 17.09 -11.14
N VAL B 152 -21.23 18.08 -11.60
CA VAL B 152 -21.58 19.25 -10.83
C VAL B 152 -22.49 19.02 -9.63
N ARG B 153 -23.53 18.19 -9.74
CA ARG B 153 -24.43 17.93 -8.62
C ARG B 153 -23.70 17.33 -7.44
N PRO B 154 -23.01 16.18 -7.61
CA PRO B 154 -22.16 15.66 -6.52
C PRO B 154 -21.12 16.63 -5.98
N LYS B 155 -20.47 17.38 -6.86
CA LYS B 155 -19.43 18.36 -6.50
C LYS B 155 -19.98 19.46 -5.56
N ALA B 156 -21.11 20.07 -5.95
CA ALA B 156 -21.83 21.00 -5.09
C ALA B 156 -22.15 20.36 -3.75
N ALA B 157 -22.59 19.11 -3.74
CA ALA B 157 -23.02 18.46 -2.48
C ALA B 157 -21.79 18.24 -1.59
N LEU B 158 -20.69 17.84 -2.21
CA LEU B 158 -19.41 17.65 -1.55
C LEU B 158 -18.91 18.95 -0.90
N ILE B 159 -19.01 20.05 -1.63
CA ILE B 159 -18.46 21.30 -1.19
C ILE B 159 -19.36 21.81 -0.03
N ALA B 160 -20.67 21.78 -0.26
CA ALA B 160 -21.72 22.19 0.73
C ALA B 160 -21.49 21.45 2.01
N TYR B 161 -21.33 20.13 1.97
CA TYR B 161 -21.07 19.35 3.17
C TYR B 161 -19.77 19.72 3.92
N CYS B 162 -18.63 19.78 3.21
CA CYS B 162 -17.39 20.13 3.89
C CYS B 162 -17.47 21.54 4.45
N ARG B 163 -18.07 22.45 3.73
CA ARG B 163 -18.13 23.82 4.14
C ARG B 163 -18.96 23.94 5.42
N ARG B 164 -20.13 23.28 5.48
CA ARG B 164 -20.96 23.39 6.73
C ARG B 164 -20.30 22.74 7.90
N ASN B 165 -19.56 21.67 7.66
CA ASN B 165 -18.91 20.96 8.73
C ASN B 165 -17.47 21.43 9.02
N LYS B 166 -17.05 22.50 8.39
CA LYS B 166 -15.68 22.98 8.54
C LYS B 166 -14.63 21.89 8.29
N ILE B 167 -14.83 21.07 7.25
CA ILE B 167 -13.89 20.13 6.87
C ILE B 167 -12.96 20.90 5.86
N PRO B 168 -11.68 20.98 6.15
CA PRO B 168 -10.78 21.70 5.21
C PRO B 168 -10.87 21.10 3.85
N LEU B 169 -11.21 21.92 2.91
CA LEU B 169 -11.41 21.48 1.52
C LEU B 169 -10.68 22.40 0.53
N VAL B 170 -10.11 21.83 -0.51
CA VAL B 170 -9.83 22.69 -1.68
C VAL B 170 -10.52 22.03 -2.85
N THR B 171 -11.25 22.80 -3.61
CA THR B 171 -11.90 22.30 -4.78
C THR B 171 -11.17 22.87 -6.03
N THR B 172 -11.47 22.29 -7.16
CA THR B 172 -10.77 22.60 -8.42
C THR B 172 -11.79 22.89 -9.47
N GLY B 173 -11.56 23.96 -10.19
CA GLY B 173 -12.41 24.31 -11.33
C GLY B 173 -12.08 23.50 -12.58
N GLY B 174 -12.40 24.08 -13.75
CA GLY B 174 -12.35 23.33 -14.98
C GLY B 174 -10.88 23.48 -15.40
N ALA B 175 -10.25 22.35 -15.72
CA ALA B 175 -8.90 22.32 -16.21
C ALA B 175 -8.72 22.06 -17.71
N GLY B 176 -9.77 21.66 -18.41
CA GLY B 176 -9.69 21.54 -19.85
C GLY B 176 -9.74 22.81 -20.66
N GLY B 177 -9.37 22.71 -21.95
CA GLY B 177 -9.47 23.86 -22.83
C GLY B 177 -8.43 24.96 -22.53
N GLN B 178 -7.39 24.60 -21.81
CA GLN B 178 -6.37 25.57 -21.34
C GLN B 178 -4.95 25.03 -21.62
N ILE B 179 -4.05 25.94 -22.02
CA ILE B 179 -2.72 25.56 -22.36
C ILE B 179 -1.61 26.15 -21.49
N ASP B 180 -1.95 27.11 -20.61
CA ASP B 180 -0.91 27.92 -19.94
C ASP B 180 -0.93 27.56 -18.49
N PRO B 181 0.05 26.77 -18.05
CA PRO B 181 0.03 26.44 -16.60
C PRO B 181 0.37 27.57 -15.64
N THR B 182 0.91 28.64 -16.17
CA THR B 182 1.31 29.78 -15.31
C THR B 182 0.10 30.66 -14.87
N GLN B 183 -1.09 30.42 -15.37
CA GLN B 183 -2.29 31.23 -15.02
C GLN B 183 -3.16 30.57 -13.94
N ILE B 184 -2.68 29.46 -13.41
CA ILE B 184 -3.39 28.74 -12.36
C ILE B 184 -3.17 29.42 -11.03
N GLN B 185 -4.20 29.49 -10.20
CA GLN B 185 -4.10 30.21 -8.94
C GLN B 185 -5.24 29.78 -8.07
N VAL B 186 -5.23 30.23 -6.82
CA VAL B 186 -6.30 29.82 -5.85
C VAL B 186 -6.97 31.07 -5.38
N THR B 187 -8.31 31.07 -5.41
CA THR B 187 -9.06 32.18 -4.84
C THR B 187 -10.37 31.65 -4.28
N ASP B 188 -11.09 32.49 -3.57
CA ASP B 188 -12.45 32.09 -3.12
C ASP B 188 -13.31 31.81 -4.30
N LEU B 189 -14.11 30.77 -4.19
CA LEU B 189 -14.96 30.35 -5.28
C LEU B 189 -15.84 31.43 -5.84
N ALA B 190 -16.08 32.48 -5.03
CA ALA B 190 -16.89 33.59 -5.48
C ALA B 190 -16.14 34.46 -6.46
N LYS B 191 -14.83 34.50 -6.35
CA LYS B 191 -14.02 35.37 -7.23
C LYS B 191 -13.38 34.75 -8.43
N THR B 192 -13.77 33.54 -8.82
CA THR B 192 -13.14 32.97 -9.99
C THR B 192 -13.66 33.64 -11.25
N ILE B 193 -12.81 33.73 -12.28
CA ILE B 193 -13.20 34.20 -13.62
C ILE B 193 -12.78 33.18 -14.69
N GLN B 194 -13.42 33.24 -15.84
CA GLN B 194 -13.07 32.42 -17.00
C GLN B 194 -13.33 30.94 -16.82
N ASP B 195 -14.22 30.61 -15.90
CA ASP B 195 -14.37 29.24 -15.53
C ASP B 195 -15.85 28.90 -15.39
N PRO B 196 -16.47 28.34 -16.44
CA PRO B 196 -17.90 28.03 -16.37
C PRO B 196 -18.25 26.93 -15.39
N LEU B 197 -17.30 26.05 -15.07
CA LEU B 197 -17.61 25.02 -14.07
C LEU B 197 -17.78 25.69 -12.71
N ALA B 198 -16.80 26.52 -12.33
CA ALA B 198 -16.82 27.27 -11.08
C ALA B 198 -18.10 28.12 -10.98
N ALA B 199 -18.47 28.73 -12.10
CA ALA B 199 -19.69 29.55 -12.16
C ALA B 199 -20.96 28.76 -11.92
N LYS B 200 -21.12 27.62 -12.60
CA LYS B 200 -22.26 26.73 -12.40
C LYS B 200 -22.34 26.08 -11.01
N LEU B 201 -21.20 25.92 -10.39
CA LEU B 201 -21.12 25.45 -9.02
C LEU B 201 -21.69 26.50 -8.05
N ARG B 202 -21.24 27.75 -8.13
CA ARG B 202 -21.82 28.80 -7.29
C ARG B 202 -23.34 28.76 -7.38
N GLU B 203 -23.85 28.69 -8.61
CA GLU B 203 -25.31 28.62 -8.86
C GLU B 203 -25.98 27.53 -8.09
N ARG B 204 -25.37 26.34 -8.12
CA ARG B 204 -25.93 25.16 -7.51
C ARG B 204 -25.81 25.22 -5.98
N LEU B 205 -24.73 25.79 -5.51
CA LEU B 205 -24.55 25.89 -4.11
C LEU B 205 -25.68 26.74 -3.58
N LYS B 206 -25.84 27.93 -4.17
CA LYS B 206 -26.86 28.92 -3.78
C LYS B 206 -28.26 28.35 -3.74
N SER B 207 -28.70 27.78 -4.85
CA SER B 207 -30.07 27.29 -4.95
C SER B 207 -30.34 26.05 -4.09
N ASP B 208 -29.45 25.06 -4.09
CA ASP B 208 -29.76 23.75 -3.48
C ASP B 208 -29.25 23.58 -2.04
N PHE B 209 -28.38 24.48 -1.59
CA PHE B 209 -27.76 24.36 -0.29
C PHE B 209 -27.69 25.67 0.41
N GLY B 210 -28.31 26.68 -0.19
CA GLY B 210 -28.33 28.01 0.35
C GLY B 210 -26.97 28.62 0.57
N VAL B 211 -25.93 28.18 -0.11
CA VAL B 211 -24.58 28.74 0.16
C VAL B 211 -24.39 30.05 -0.63
N VAL B 212 -24.01 31.12 0.06
CA VAL B 212 -24.06 32.45 -0.50
C VAL B 212 -23.00 33.35 0.10
N LYS B 213 -22.86 34.52 -0.52
CA LYS B 213 -21.75 35.42 -0.27
C LYS B 213 -21.76 35.93 1.16
N ASN B 214 -20.59 36.38 1.54
CA ASN B 214 -20.20 36.75 2.86
C ASN B 214 -20.65 38.16 3.10
N SER B 215 -20.12 38.76 4.17
CA SER B 215 -20.00 40.22 4.27
C SER B 215 -19.00 40.67 3.21
N LYS B 216 -17.85 40.01 3.20
CA LYS B 216 -16.74 40.32 2.28
C LYS B 216 -16.93 39.89 0.79
N GLY B 217 -18.08 39.34 0.42
CA GLY B 217 -18.29 38.84 -0.95
C GLY B 217 -17.74 37.43 -1.24
N LYS B 218 -17.33 36.72 -0.18
CA LYS B 218 -16.85 35.31 -0.22
C LYS B 218 -17.82 34.17 0.11
N LEU B 219 -17.59 32.99 -0.49
CA LEU B 219 -18.38 31.82 -0.13
C LEU B 219 -17.66 31.02 0.91
N GLY B 220 -16.41 31.37 1.20
CA GLY B 220 -15.53 30.57 2.06
C GLY B 220 -15.23 29.17 1.53
N VAL B 221 -14.89 29.10 0.24
CA VAL B 221 -14.54 27.84 -0.36
C VAL B 221 -13.34 28.20 -1.29
N ASP B 222 -12.20 27.58 -1.04
CA ASP B 222 -10.96 27.85 -1.79
C ASP B 222 -11.04 27.05 -3.10
N CYS B 223 -10.79 27.70 -4.25
CA CYS B 223 -10.85 27.06 -5.50
C CYS B 223 -9.62 27.33 -6.35
N VAL B 224 -9.05 26.26 -6.88
CA VAL B 224 -8.01 26.31 -7.92
C VAL B 224 -8.70 26.52 -9.24
N PHE B 225 -8.30 27.58 -9.97
CA PHE B 225 -8.86 27.92 -11.24
C PHE B 225 -7.73 28.55 -12.09
N SER B 226 -8.04 28.86 -13.34
CA SER B 226 -7.14 29.56 -14.16
C SER B 226 -7.85 30.76 -14.75
N THR B 227 -7.10 31.83 -14.87
CA THR B 227 -7.55 33.04 -15.55
C THR B 227 -7.54 32.92 -17.07
N GLU B 228 -7.06 31.81 -17.60
CA GLU B 228 -6.89 31.71 -19.04
C GLU B 228 -8.25 31.61 -19.72
N ALA B 229 -8.44 32.32 -20.82
CA ALA B 229 -9.69 32.15 -21.61
C ALA B 229 -9.75 30.82 -22.28
N LEU B 230 -10.90 30.16 -22.24
CA LEU B 230 -11.03 28.80 -22.72
C LEU B 230 -10.91 28.63 -24.26
N VAL B 231 -10.20 27.58 -24.67
CA VAL B 231 -9.95 27.18 -26.06
C VAL B 231 -10.96 26.09 -26.42
N TYR B 232 -11.89 26.40 -27.31
CA TYR B 232 -12.87 25.42 -27.82
C TYR B 232 -12.34 24.65 -29.06
N PRO B 233 -12.69 23.36 -29.21
CA PRO B 233 -12.13 22.53 -30.29
C PRO B 233 -12.17 23.11 -31.72
N GLY B 257 -15.75 17.51 -23.77
CA GLY B 257 -15.65 18.01 -25.14
C GLY B 257 -14.38 18.81 -25.36
N PHE B 258 -13.87 19.42 -24.29
CA PHE B 258 -12.64 20.18 -24.37
C PHE B 258 -11.46 19.22 -24.43
N GLY B 259 -10.38 19.65 -25.07
CA GLY B 259 -9.18 18.90 -24.96
C GLY B 259 -8.57 19.29 -23.63
N ALA B 260 -7.44 18.71 -23.36
CA ALA B 260 -6.69 18.94 -22.14
C ALA B 260 -5.23 18.58 -22.31
N ALA B 261 -4.38 19.13 -21.44
CA ALA B 261 -3.00 18.78 -21.36
C ALA B 261 -2.48 18.51 -19.97
N THR B 262 -1.58 17.54 -19.88
CA THR B 262 -0.96 17.18 -18.64
C THR B 262 -0.38 18.41 -17.93
N MSE B 263 0.32 19.27 -18.68
CA MSE B 263 1.04 20.40 -18.06
C MSE B 263 0.11 21.30 -17.30
O MSE B 263 0.51 21.94 -16.34
CB MSE B 263 1.70 21.25 -19.11
CG MSE B 263 2.82 20.51 -19.91
SE MSE B 263 2.24 19.21 -21.32
CE MSE B 263 1.68 20.57 -22.71
N VAL B 264 -1.14 21.38 -17.74
CA VAL B 264 -2.13 22.21 -17.07
C VAL B 264 -2.93 21.44 -16.05
N THR B 265 -3.43 20.29 -16.42
CA THR B 265 -4.32 19.56 -15.47
C THR B 265 -3.52 19.10 -14.25
N ALA B 266 -2.32 18.61 -14.46
CA ALA B 266 -1.46 18.23 -13.31
C ALA B 266 -1.13 19.40 -12.42
N THR B 267 -0.94 20.56 -13.02
CA THR B 267 -0.58 21.78 -12.23
C THR B 267 -1.76 22.21 -11.33
N PHE B 268 -2.99 22.02 -11.79
CA PHE B 268 -4.19 22.22 -10.94
C PHE B 268 -4.05 21.39 -9.68
N GLY B 269 -3.67 20.13 -9.87
CA GLY B 269 -3.56 19.15 -8.81
C GLY B 269 -2.50 19.58 -7.84
N PHE B 270 -1.35 19.95 -8.39
CA PHE B 270 -0.21 20.33 -7.58
C PHE B 270 -0.43 21.60 -6.79
N VAL B 271 -1.05 22.60 -7.42
CA VAL B 271 -1.45 23.83 -6.77
C VAL B 271 -2.50 23.55 -5.64
N ALA B 272 -3.46 22.66 -5.87
CA ALA B 272 -4.34 22.30 -4.78
C ALA B 272 -3.62 21.70 -3.59
N VAL B 273 -2.70 20.79 -3.82
CA VAL B 273 -1.95 20.19 -2.73
C VAL B 273 -1.08 21.21 -1.99
N SER B 274 -0.30 22.03 -2.71
CA SER B 274 0.48 23.10 -2.05
C SER B 274 -0.37 24.09 -1.24
N HIS B 275 -1.56 24.41 -1.71
CA HIS B 275 -2.49 25.24 -0.97
C HIS B 275 -2.92 24.57 0.35
N ALA B 276 -3.26 23.33 0.23
CA ALA B 276 -3.67 22.55 1.41
C ALA B 276 -2.58 22.46 2.46
N LEU B 277 -1.35 22.15 2.03
CA LEU B 277 -0.23 22.03 2.95
C LEU B 277 0.11 23.34 3.65
N LYS B 278 0.01 24.43 2.91
CA LYS B 278 0.22 25.77 3.44
C LYS B 278 -0.80 26.03 4.57
N LYS B 279 -2.08 25.86 4.25
CA LYS B 279 -3.16 26.01 5.26
C LYS B 279 -2.96 25.13 6.49
N MSE B 280 -2.55 23.87 6.29
CA MSE B 280 -2.37 22.97 7.36
C MSE B 280 -1.22 23.47 8.21
O MSE B 280 -1.26 23.40 9.44
CB MSE B 280 -2.03 21.56 6.91
CG MSE B 280 -3.28 20.90 6.38
SE MSE B 280 -2.79 19.28 5.33
CE MSE B 280 -1.84 18.30 6.72
N MSE B 281 -0.16 23.97 7.59
CA MSE B 281 0.99 24.39 8.37
C MSE B 281 0.70 25.64 9.12
O MSE B 281 1.06 25.76 10.25
CB MSE B 281 2.21 24.54 7.45
CG MSE B 281 2.93 23.22 7.26
SE MSE B 281 4.29 23.41 5.76
CE MSE B 281 5.41 24.85 6.56
N ALA B 282 -0.06 26.55 8.53
CA ALA B 282 -0.45 27.77 9.19
C ALA B 282 -1.32 27.46 10.44
N LYS B 283 -2.27 26.55 10.27
CA LYS B 283 -3.07 26.07 11.38
C LYS B 283 -2.20 25.47 12.47
N ALA B 284 -1.27 24.58 12.14
CA ALA B 284 -0.40 23.98 13.15
C ALA B 284 0.50 25.04 13.87
N ALA B 285 0.93 26.05 13.12
CA ALA B 285 1.73 27.08 13.74
C ALA B 285 0.89 27.86 14.77
N ARG B 286 -0.38 28.12 14.48
CA ARG B 286 -1.25 28.99 15.31
C ARG B 286 -1.44 28.58 16.77
N GLN B 287 -1.58 27.27 17.00
CA GLN B 287 -1.95 26.73 18.32
C GLN B 287 -0.76 26.12 18.99
N SER C 22 -18.02 -25.76 -13.47
CA SER C 22 -18.34 -24.81 -12.36
C SER C 22 -18.98 -25.60 -11.18
N VAL C 23 -18.48 -25.42 -9.96
CA VAL C 23 -18.94 -26.21 -8.86
C VAL C 23 -20.24 -25.57 -8.42
N VAL C 24 -21.18 -26.40 -8.02
CA VAL C 24 -22.45 -25.90 -7.51
C VAL C 24 -22.28 -25.60 -6.04
N ILE C 25 -22.64 -24.40 -5.70
CA ILE C 25 -22.65 -24.02 -4.34
C ILE C 25 -24.04 -24.38 -3.83
N SER C 26 -24.09 -25.47 -3.10
CA SER C 26 -25.30 -25.97 -2.47
C SER C 26 -25.69 -25.09 -1.28
N ASP C 27 -26.87 -25.39 -0.71
CA ASP C 27 -27.38 -24.69 0.48
C ASP C 27 -26.44 -24.82 1.66
N ALA C 28 -25.99 -26.05 1.89
CA ALA C 28 -25.12 -26.47 2.99
C ALA C 28 -23.73 -25.83 2.85
N TRP C 29 -23.32 -25.57 1.60
CA TRP C 29 -22.10 -24.83 1.31
C TRP C 29 -22.30 -23.37 1.64
N ARG C 30 -23.49 -22.83 1.37
CA ARG C 30 -23.71 -21.40 1.65
C ARG C 30 -23.82 -21.19 3.13
N GLN C 31 -24.34 -22.17 3.83
CA GLN C 31 -24.39 -22.08 5.27
C GLN C 31 -23.02 -22.20 5.94
N ARG C 32 -22.18 -23.15 5.50
CA ARG C 32 -20.78 -23.21 5.97
C ARG C 32 -20.03 -21.90 5.74
N PHE C 33 -20.18 -21.36 4.53
CA PHE C 33 -19.32 -20.30 3.98
C PHE C 33 -20.06 -19.01 3.66
N GLY C 34 -21.26 -18.84 4.24
CA GLY C 34 -21.99 -17.54 4.18
C GLY C 34 -21.16 -16.36 4.60
N GLY C 35 -20.39 -16.55 5.65
CA GLY C 35 -19.49 -15.53 6.08
C GLY C 35 -18.33 -15.22 5.11
N THR C 36 -17.96 -16.19 4.29
CA THR C 36 -16.94 -15.93 3.26
C THR C 36 -17.57 -15.06 2.15
N ALA C 37 -18.84 -15.39 1.80
CA ALA C 37 -19.54 -14.66 0.74
C ALA C 37 -19.82 -13.24 1.14
N ARG C 38 -20.20 -13.04 2.40
CA ARG C 38 -20.44 -11.69 2.96
C ARG C 38 -19.21 -10.91 3.05
N LEU C 39 -18.06 -11.57 3.12
CA LEU C 39 -16.82 -10.80 3.13
C LEU C 39 -16.19 -10.55 1.75
N TYR C 40 -15.97 -11.59 0.95
CA TYR C 40 -15.26 -11.41 -0.33
C TYR C 40 -16.24 -11.16 -1.51
N GLY C 41 -17.49 -11.55 -1.35
CA GLY C 41 -18.51 -11.35 -2.40
C GLY C 41 -18.92 -12.64 -3.01
N GLU C 42 -20.07 -12.63 -3.68
CA GLU C 42 -20.58 -13.85 -4.26
C GLU C 42 -19.70 -14.30 -5.38
N LYS C 43 -19.19 -13.39 -6.15
CA LYS C 43 -18.37 -13.80 -7.26
C LYS C 43 -17.13 -14.55 -6.74
N ALA C 44 -16.57 -14.06 -5.65
CA ALA C 44 -15.38 -14.63 -5.01
C ALA C 44 -15.72 -15.98 -4.44
N LEU C 45 -16.89 -16.10 -3.80
CA LEU C 45 -17.30 -17.34 -3.33
C LEU C 45 -17.27 -18.39 -4.43
N GLN C 46 -17.83 -18.04 -5.60
CA GLN C 46 -17.87 -18.99 -6.71
C GLN C 46 -16.49 -19.29 -7.25
N LEU C 47 -15.67 -18.27 -7.34
CA LEU C 47 -14.28 -18.39 -7.79
C LEU C 47 -13.56 -19.43 -6.91
N PHE C 48 -13.78 -19.34 -5.61
CA PHE C 48 -13.10 -20.20 -4.64
C PHE C 48 -13.61 -21.61 -4.84
N ALA C 49 -14.92 -21.76 -4.94
CA ALA C 49 -15.52 -23.09 -5.10
C ALA C 49 -14.94 -23.79 -6.35
N ASP C 50 -14.65 -22.99 -7.39
CA ASP C 50 -14.16 -23.54 -8.68
C ASP C 50 -12.67 -23.76 -8.69
N ALA C 51 -11.96 -23.32 -7.66
CA ALA C 51 -10.49 -23.26 -7.67
C ALA C 51 -9.92 -24.65 -7.25
N HIS C 52 -8.69 -24.96 -7.68
CA HIS C 52 -8.00 -26.16 -7.20
C HIS C 52 -6.65 -25.71 -6.81
N ILE C 53 -6.36 -25.72 -5.51
CA ILE C 53 -5.07 -25.25 -4.98
C ILE C 53 -4.31 -26.40 -4.40
N CYS C 54 -3.03 -26.44 -4.75
CA CYS C 54 -2.05 -27.48 -4.31
C CYS C 54 -1.17 -26.94 -3.20
N VAL C 55 -1.13 -27.62 -2.06
CA VAL C 55 -0.21 -27.32 -1.00
C VAL C 55 0.84 -28.39 -0.96
N VAL C 56 2.09 -27.98 -1.16
CA VAL C 56 3.22 -28.87 -1.08
C VAL C 56 3.94 -28.75 0.25
N GLY C 57 3.98 -29.83 1.03
CA GLY C 57 4.58 -29.72 2.33
C GLY C 57 3.50 -29.40 3.37
N ILE C 58 3.09 -30.40 4.13
CA ILE C 58 2.03 -30.22 5.12
C ILE C 58 2.55 -30.13 6.57
N GLY C 59 3.41 -29.15 6.80
CA GLY C 59 4.15 -29.04 8.05
C GLY C 59 3.77 -27.81 8.86
N GLY C 60 4.78 -27.12 9.42
CA GLY C 60 4.55 -25.93 10.27
C GLY C 60 3.88 -24.74 9.55
N VAL C 61 4.14 -24.59 8.25
CA VAL C 61 3.46 -23.56 7.49
C VAL C 61 2.30 -24.15 6.65
N GLY C 62 2.57 -25.28 5.99
CA GLY C 62 1.63 -25.86 5.10
C GLY C 62 0.35 -26.38 5.69
N SER C 63 0.40 -26.89 6.92
CA SER C 63 -0.81 -27.46 7.51
C SER C 63 -1.88 -26.39 7.76
N TRP C 64 -1.44 -25.24 8.28
CA TRP C 64 -2.28 -24.05 8.45
C TRP C 64 -2.78 -23.47 7.15
N ALA C 65 -1.97 -23.51 6.11
CA ALA C 65 -2.41 -23.03 4.79
C ALA C 65 -3.54 -23.88 4.31
N ALA C 66 -3.42 -25.20 4.49
CA ALA C 66 -4.44 -26.11 4.03
C ALA C 66 -5.74 -25.88 4.80
N GLU C 67 -5.63 -25.70 6.12
CA GLU C 67 -6.78 -25.37 6.96
C GLU C 67 -7.47 -24.11 6.45
N ALA C 68 -6.68 -23.07 6.15
CA ALA C 68 -7.27 -21.79 5.72
C ALA C 68 -8.00 -21.92 4.37
N LEU C 69 -7.43 -22.68 3.45
CA LEU C 69 -8.03 -22.93 2.15
C LEU C 69 -9.43 -23.57 2.36
N ALA C 70 -9.45 -24.67 3.13
CA ALA C 70 -10.69 -25.36 3.45
C ALA C 70 -11.72 -24.43 4.07
N ARG C 71 -11.29 -23.64 5.08
CA ARG C 71 -12.21 -22.72 5.75
C ARG C 71 -12.58 -21.45 4.96
N THR C 72 -11.99 -21.27 3.79
CA THR C 72 -12.37 -20.16 2.94
C THR C 72 -13.13 -20.61 1.62
N GLY C 73 -13.64 -21.81 1.64
CA GLY C 73 -14.51 -22.35 0.58
C GLY C 73 -13.81 -22.73 -0.73
N ILE C 74 -12.51 -23.09 -0.66
CA ILE C 74 -11.78 -23.54 -1.83
C ILE C 74 -12.31 -24.96 -2.10
N GLY C 75 -12.76 -25.17 -3.33
CA GLY C 75 -13.53 -26.35 -3.74
C GLY C 75 -12.74 -27.62 -3.94
N ALA C 76 -11.43 -27.48 -4.22
CA ALA C 76 -10.58 -28.63 -4.49
C ALA C 76 -9.20 -28.30 -3.94
N ILE C 77 -8.60 -29.26 -3.24
CA ILE C 77 -7.30 -29.07 -2.57
C ILE C 77 -6.47 -30.30 -2.76
N THR C 78 -5.22 -30.16 -3.25
CA THR C 78 -4.29 -31.24 -3.35
C THR C 78 -3.25 -31.02 -2.30
N LEU C 79 -2.91 -32.06 -1.53
CA LEU C 79 -1.89 -32.04 -0.52
C LEU C 79 -0.75 -33.00 -0.85
N ILE C 80 0.49 -32.50 -0.87
CA ILE C 80 1.65 -33.33 -1.28
C ILE C 80 2.63 -33.41 -0.10
N ASP C 81 2.84 -34.59 0.43
CA ASP C 81 3.80 -34.84 1.48
C ASP C 81 3.89 -36.36 1.63
N MSE C 82 4.96 -36.83 2.20
CA MSE C 82 5.17 -38.24 2.48
C MSE C 82 5.41 -38.54 3.94
O MSE C 82 5.56 -39.68 4.32
CB MSE C 82 6.42 -38.73 1.75
CG MSE C 82 6.37 -40.19 1.47
SE MSE C 82 7.69 -40.69 0.11
CE MSE C 82 8.53 -39.00 -0.24
N ASP C 83 5.49 -37.53 4.75
CA ASP C 83 6.01 -37.69 6.08
C ASP C 83 4.84 -38.00 7.05
N ASP C 84 5.14 -38.59 8.18
CA ASP C 84 4.18 -38.89 9.25
C ASP C 84 4.19 -37.80 10.32
N VAL C 85 3.10 -37.73 11.07
CA VAL C 85 2.98 -36.92 12.24
C VAL C 85 3.91 -37.41 13.31
N CYS C 86 4.74 -36.47 13.80
CA CYS C 86 5.64 -36.76 14.91
C CYS C 86 5.18 -35.95 16.11
N VAL C 87 5.42 -36.51 17.31
CA VAL C 87 5.02 -35.81 18.53
C VAL C 87 5.82 -34.51 18.66
N THR C 88 6.99 -34.42 18.01
CA THR C 88 7.77 -33.17 18.07
C THR C 88 7.15 -32.04 17.20
N ASN C 89 6.21 -32.37 16.34
CA ASN C 89 5.48 -31.38 15.52
C ASN C 89 4.45 -30.59 16.38
N THR C 90 4.21 -31.02 17.63
CA THR C 90 3.08 -30.48 18.44
C THR C 90 3.09 -28.96 18.64
N ASN C 91 4.26 -28.39 18.65
CA ASN C 91 4.38 -26.92 18.92
C ASN C 91 3.95 -26.07 17.77
N ARG C 92 3.83 -26.65 16.56
CA ARG C 92 3.52 -25.83 15.42
C ARG C 92 2.70 -26.38 14.30
N GLN C 93 2.11 -27.58 14.43
CA GLN C 93 1.41 -28.19 13.26
C GLN C 93 0.00 -28.59 13.69
N ILE C 94 -0.98 -28.26 12.87
CA ILE C 94 -2.41 -28.36 13.28
C ILE C 94 -2.91 -29.82 13.36
N HIS C 95 -2.20 -30.68 12.69
CA HIS C 95 -2.56 -32.14 12.63
C HIS C 95 -1.81 -32.92 13.69
N ALA C 96 -0.95 -32.22 14.48
CA ALA C 96 -0.21 -32.86 15.55
C ALA C 96 -1.04 -32.92 16.83
N LEU C 97 -1.54 -34.14 17.07
CA LEU C 97 -2.37 -34.49 18.20
C LEU C 97 -1.98 -35.93 18.59
N ARG C 98 -2.23 -36.28 19.86
CA ARG C 98 -1.82 -37.60 20.36
C ARG C 98 -2.27 -38.76 19.46
N ASP C 99 -3.55 -38.78 19.10
CA ASP C 99 -4.13 -39.88 18.35
C ASP C 99 -3.70 -39.92 16.87
N ASN C 100 -3.18 -38.81 16.36
CA ASN C 100 -2.57 -38.79 15.06
C ASN C 100 -1.10 -39.16 14.92
N VAL C 101 -0.37 -39.32 16.00
CA VAL C 101 1.04 -39.53 15.90
C VAL C 101 1.33 -40.83 15.09
N GLY C 102 2.26 -40.77 14.13
CA GLY C 102 2.58 -41.92 13.27
C GLY C 102 1.78 -42.06 11.98
N LEU C 103 0.70 -41.28 11.85
CA LEU C 103 -0.14 -41.32 10.68
C LEU C 103 0.42 -40.33 9.65
N ALA C 104 0.04 -40.52 8.39
CA ALA C 104 0.54 -39.69 7.31
C ALA C 104 -0.05 -38.26 7.45
N LYS C 105 0.83 -37.26 7.52
CA LYS C 105 0.38 -35.83 7.58
C LYS C 105 -0.69 -35.49 6.62
N ALA C 106 -0.43 -35.76 5.35
CA ALA C 106 -1.37 -35.34 4.28
C ALA C 106 -2.73 -36.02 4.42
N GLU C 107 -2.75 -37.29 4.82
CA GLU C 107 -3.99 -38.01 4.97
C GLU C 107 -4.77 -37.59 6.22
N VAL C 108 -4.05 -37.32 7.29
CA VAL C 108 -4.71 -36.80 8.47
C VAL C 108 -5.33 -35.41 8.14
N MSE C 109 -4.59 -34.59 7.43
CA MSE C 109 -5.12 -33.24 7.06
C MSE C 109 -6.27 -33.40 6.08
O MSE C 109 -7.24 -32.67 6.13
CB MSE C 109 -3.94 -32.47 6.50
CG MSE C 109 -4.20 -31.02 6.21
SE MSE C 109 -4.32 -30.14 7.98
CE MSE C 109 -5.87 -29.01 7.63
N ALA C 110 -6.18 -34.31 5.14
CA ALA C 110 -7.29 -34.51 4.17
C ALA C 110 -8.54 -34.91 4.91
N GLU C 111 -8.40 -35.76 5.92
CA GLU C 111 -9.59 -36.16 6.69
C GLU C 111 -10.20 -34.98 7.47
N ARG C 112 -9.35 -34.11 7.97
CA ARG C 112 -9.80 -32.94 8.67
C ARG C 112 -10.51 -32.00 7.69
N ILE C 113 -9.97 -31.82 6.49
CA ILE C 113 -10.60 -30.93 5.50
C ILE C 113 -11.99 -31.47 5.10
N ARG C 114 -12.11 -32.77 5.03
CA ARG C 114 -13.41 -33.34 4.66
C ARG C 114 -14.46 -33.11 5.79
N GLN C 115 -14.01 -33.03 7.04
CA GLN C 115 -14.84 -32.61 8.18
C GLN C 115 -15.20 -31.12 8.22
N ILE C 116 -14.35 -30.27 7.66
CA ILE C 116 -14.63 -28.88 7.47
C ILE C 116 -15.63 -28.66 6.35
N ASN C 117 -15.39 -29.26 5.19
CA ASN C 117 -16.23 -29.13 4.04
C ASN C 117 -16.32 -30.49 3.36
N PRO C 118 -17.40 -31.25 3.60
CA PRO C 118 -17.51 -32.57 3.01
C PRO C 118 -17.67 -32.60 1.51
N GLU C 119 -17.96 -31.46 0.88
CA GLU C 119 -18.04 -31.29 -0.56
C GLU C 119 -16.74 -30.81 -1.18
N CYS C 120 -15.67 -30.64 -0.39
CA CYS C 120 -14.38 -30.27 -0.95
C CYS C 120 -13.80 -31.50 -1.57
N ARG C 121 -13.26 -31.34 -2.77
CA ARG C 121 -12.58 -32.43 -3.45
C ARG C 121 -11.10 -32.46 -3.05
N VAL C 122 -10.71 -33.41 -2.19
CA VAL C 122 -9.36 -33.45 -1.64
C VAL C 122 -8.56 -34.59 -2.24
N THR C 123 -7.38 -34.27 -2.74
CA THR C 123 -6.50 -35.25 -3.28
C THR C 123 -5.21 -35.28 -2.48
N VAL C 124 -4.77 -36.49 -2.11
CA VAL C 124 -3.47 -36.70 -1.46
C VAL C 124 -2.46 -37.29 -2.44
N VAL C 125 -1.31 -36.65 -2.58
CA VAL C 125 -0.19 -37.21 -3.28
C VAL C 125 0.77 -37.67 -2.20
N ASP C 126 0.85 -39.01 -2.00
CA ASP C 126 1.68 -39.51 -0.90
C ASP C 126 3.08 -39.61 -1.44
N ASP C 127 3.80 -38.49 -1.49
CA ASP C 127 5.12 -38.49 -2.13
C ASP C 127 5.84 -37.19 -1.81
N PHE C 128 7.16 -37.14 -2.04
CA PHE C 128 7.90 -35.89 -1.97
C PHE C 128 8.11 -35.43 -3.41
N VAL C 129 8.04 -34.10 -3.64
CA VAL C 129 8.34 -33.53 -4.97
C VAL C 129 9.87 -33.59 -5.17
N THR C 130 10.32 -33.92 -6.37
CA THR C 130 11.76 -33.93 -6.65
C THR C 130 11.90 -33.26 -8.01
N PRO C 131 13.15 -32.83 -8.39
CA PRO C 131 13.31 -32.32 -9.75
C PRO C 131 12.74 -33.23 -10.84
N ASP C 132 12.77 -34.54 -10.67
CA ASP C 132 12.22 -35.45 -11.66
C ASP C 132 10.71 -35.64 -11.74
N ASN C 133 9.97 -35.49 -10.64
CA ASN C 133 8.55 -35.72 -10.72
C ASN C 133 7.74 -34.39 -10.69
N VAL C 134 8.43 -33.28 -10.59
CA VAL C 134 7.76 -31.96 -10.50
C VAL C 134 6.89 -31.68 -11.71
N ALA C 135 7.43 -31.85 -12.94
CA ALA C 135 6.60 -31.68 -14.12
C ALA C 135 5.36 -32.52 -14.01
N GLN C 136 5.51 -33.77 -13.61
CA GLN C 136 4.35 -34.65 -13.59
C GLN C 136 3.29 -34.12 -12.59
N TYR C 137 3.71 -33.77 -11.38
CA TYR C 137 2.75 -33.30 -10.35
C TYR C 137 2.16 -31.89 -10.62
N MSE C 138 2.94 -31.00 -11.22
CA MSE C 138 2.40 -29.70 -11.66
C MSE C 138 1.52 -29.75 -12.90
O MSE C 138 0.74 -28.84 -13.12
CB MSE C 138 3.54 -28.71 -11.84
CG MSE C 138 4.26 -28.44 -10.53
SE MSE C 138 3.01 -27.80 -9.11
CE MSE C 138 2.97 -29.37 -7.88
N SER C 139 1.53 -30.84 -13.68
CA SER C 139 0.75 -30.88 -14.93
C SER C 139 -0.73 -30.95 -14.67
N VAL C 140 -1.11 -31.02 -13.41
CA VAL C 140 -2.52 -31.08 -13.11
C VAL C 140 -3.24 -29.80 -13.55
N GLY C 141 -2.56 -28.65 -13.53
CA GLY C 141 -3.18 -27.35 -13.84
C GLY C 141 -3.90 -26.74 -12.65
N TYR C 142 -3.18 -26.52 -11.56
CA TYR C 142 -3.77 -25.88 -10.39
C TYR C 142 -4.07 -24.37 -10.58
N SER C 143 -5.07 -23.85 -9.88
CA SER C 143 -5.31 -22.39 -9.76
C SER C 143 -4.16 -21.70 -9.09
N TYR C 144 -3.56 -22.38 -8.12
CA TYR C 144 -2.46 -21.81 -7.39
C TYR C 144 -1.68 -22.94 -6.73
N VAL C 145 -0.43 -22.67 -6.44
CA VAL C 145 0.42 -23.62 -5.70
C VAL C 145 1.00 -22.90 -4.53
N ILE C 146 0.83 -23.47 -3.33
CA ILE C 146 1.51 -22.94 -2.12
C ILE C 146 2.67 -23.88 -1.78
N ASP C 147 3.88 -23.37 -1.92
CA ASP C 147 5.08 -24.14 -1.63
C ASP C 147 5.50 -23.92 -0.16
N ALA C 148 5.34 -24.96 0.66
CA ALA C 148 5.65 -24.85 2.10
C ALA C 148 6.62 -25.96 2.48
N ILE C 149 7.47 -26.33 1.53
CA ILE C 149 8.58 -27.33 1.71
C ILE C 149 9.78 -26.68 2.39
N ASP C 150 10.48 -27.44 3.24
CA ASP C 150 11.74 -26.94 3.82
C ASP C 150 13.01 -27.27 2.98
N SER C 151 13.06 -28.45 2.37
CA SER C 151 14.23 -28.90 1.65
C SER C 151 14.54 -28.00 0.43
N VAL C 152 15.66 -27.27 0.53
CA VAL C 152 16.09 -26.35 -0.54
C VAL C 152 16.16 -26.93 -1.94
N ARG C 153 16.66 -28.14 -2.11
CA ARG C 153 16.85 -28.63 -3.46
C ARG C 153 15.56 -28.82 -4.23
N PRO C 154 14.62 -29.69 -3.74
CA PRO C 154 13.35 -29.80 -4.45
C PRO C 154 12.53 -28.49 -4.44
N LYS C 155 12.77 -27.64 -3.45
CA LYS C 155 12.09 -26.32 -3.36
C LYS C 155 12.44 -25.47 -4.57
N ALA C 156 13.74 -25.43 -4.88
CA ALA C 156 14.23 -24.71 -6.08
C ALA C 156 13.60 -25.24 -7.35
N ALA C 157 13.56 -26.56 -7.43
CA ALA C 157 13.02 -27.21 -8.59
C ALA C 157 11.59 -26.82 -8.82
N LEU C 158 10.80 -26.92 -7.76
CA LEU C 158 9.38 -26.59 -7.83
C LEU C 158 9.17 -25.14 -8.20
N ILE C 159 9.93 -24.26 -7.58
CA ILE C 159 9.88 -22.80 -7.89
C ILE C 159 10.29 -22.54 -9.38
N ALA C 160 11.48 -23.01 -9.78
CA ALA C 160 11.89 -22.91 -11.22
C ALA C 160 10.83 -23.39 -12.17
N TYR C 161 10.22 -24.53 -11.87
CA TYR C 161 9.25 -25.08 -12.82
C TYR C 161 7.98 -24.24 -12.98
N CYS C 162 7.34 -23.90 -11.86
CA CYS C 162 6.16 -23.04 -11.87
C CYS C 162 6.48 -21.65 -12.45
N ARG C 163 7.65 -21.10 -12.10
CA ARG C 163 8.01 -19.79 -12.63
C ARG C 163 8.05 -19.86 -14.17
N ARG C 164 8.66 -20.92 -14.69
CA ARG C 164 8.94 -20.99 -16.13
C ARG C 164 7.66 -21.31 -16.89
N ASN C 165 6.80 -22.09 -16.26
CA ASN C 165 5.57 -22.48 -16.89
C ASN C 165 4.37 -21.63 -16.52
N LYS C 166 4.61 -20.52 -15.86
CA LYS C 166 3.55 -19.59 -15.56
C LYS C 166 2.47 -20.22 -14.68
N ILE C 167 2.87 -21.13 -13.79
CA ILE C 167 1.91 -21.65 -12.77
C ILE C 167 1.90 -20.71 -11.60
N PRO C 168 0.72 -20.25 -11.17
CA PRO C 168 0.80 -19.31 -10.06
C PRO C 168 1.25 -20.00 -8.80
N LEU C 169 2.10 -19.30 -8.08
CA LEU C 169 2.80 -19.81 -6.98
C LEU C 169 3.08 -18.78 -5.95
N VAL C 170 2.93 -19.17 -4.70
CA VAL C 170 3.45 -18.40 -3.57
C VAL C 170 4.33 -19.35 -2.74
N THR C 171 5.55 -18.92 -2.44
CA THR C 171 6.45 -19.68 -1.63
C THR C 171 6.66 -18.97 -0.28
N THR C 172 7.32 -19.65 0.65
CA THR C 172 7.55 -19.16 1.98
C THR C 172 9.04 -19.30 2.31
N GLY C 173 9.63 -18.31 2.99
CA GLY C 173 10.98 -18.44 3.51
C GLY C 173 10.94 -19.16 4.84
N GLY C 174 11.96 -18.98 5.65
CA GLY C 174 11.99 -19.62 6.94
C GLY C 174 11.04 -18.98 7.92
N ALA C 175 10.29 -19.83 8.60
CA ALA C 175 9.35 -19.41 9.67
C ALA C 175 9.89 -19.69 11.10
N GLY C 176 11.00 -20.44 11.17
CA GLY C 176 11.57 -20.78 12.46
C GLY C 176 12.42 -19.66 13.03
N GLY C 177 12.70 -19.75 14.32
CA GLY C 177 13.56 -18.78 14.99
C GLY C 177 12.96 -17.37 15.05
N GLN C 178 11.63 -17.27 15.04
CA GLN C 178 10.92 -16.00 14.97
C GLN C 178 9.74 -16.07 15.90
N ILE C 179 9.55 -14.97 16.63
CA ILE C 179 8.49 -14.87 17.64
C ILE C 179 7.38 -13.90 17.36
N ASP C 180 7.50 -13.08 16.33
CA ASP C 180 6.59 -11.95 16.17
C ASP C 180 5.72 -12.08 14.97
N PRO C 181 4.45 -12.43 15.18
CA PRO C 181 3.65 -12.63 13.95
C PRO C 181 3.26 -11.37 13.17
N THR C 182 3.55 -10.17 13.70
CA THR C 182 3.14 -8.94 13.08
C THR C 182 4.17 -8.51 12.08
N GLN C 183 5.31 -9.22 11.98
CA GLN C 183 6.30 -8.80 11.00
C GLN C 183 6.28 -9.57 9.66
N ILE C 184 5.22 -10.31 9.36
CA ILE C 184 5.16 -11.19 8.22
C ILE C 184 4.54 -10.46 7.00
N GLN C 185 5.10 -10.67 5.83
CA GLN C 185 4.54 -10.07 4.64
C GLN C 185 5.08 -10.77 3.37
N VAL C 186 4.65 -10.29 2.21
CA VAL C 186 4.97 -10.92 0.95
C VAL C 186 5.80 -9.92 0.13
N THR C 187 6.87 -10.41 -0.44
CA THR C 187 7.66 -9.70 -1.45
C THR C 187 8.31 -10.63 -2.46
N ASP C 188 8.94 -10.05 -3.50
CA ASP C 188 9.70 -10.85 -4.48
C ASP C 188 10.80 -11.57 -3.76
N LEU C 189 11.02 -12.83 -4.13
CA LEU C 189 12.03 -13.65 -3.47
C LEU C 189 13.43 -12.99 -3.50
N ALA C 190 13.76 -12.21 -4.52
CA ALA C 190 15.06 -11.52 -4.55
C ALA C 190 15.16 -10.49 -3.42
N LYS C 191 14.02 -9.99 -2.90
CA LYS C 191 14.06 -8.90 -1.90
C LYS C 191 13.91 -9.26 -0.44
N THR C 192 13.90 -10.53 -0.09
CA THR C 192 13.68 -10.88 1.28
C THR C 192 14.88 -10.40 2.06
N ILE C 193 14.69 -10.25 3.36
CA ILE C 193 15.81 -9.94 4.26
C ILE C 193 15.68 -10.82 5.51
N GLN C 194 16.79 -10.99 6.21
CA GLN C 194 16.78 -11.65 7.47
C GLN C 194 16.29 -13.07 7.31
N ASP C 195 16.45 -13.63 6.14
CA ASP C 195 15.96 -14.97 5.91
C ASP C 195 16.95 -15.83 5.21
N PRO C 196 17.68 -16.63 5.95
CA PRO C 196 18.68 -17.47 5.35
C PRO C 196 18.15 -18.60 4.49
N LEU C 197 16.98 -19.16 4.78
CA LEU C 197 16.43 -20.12 3.87
C LEU C 197 16.16 -19.51 2.50
N ALA C 198 15.50 -18.36 2.47
CA ALA C 198 15.29 -17.62 1.21
C ALA C 198 16.67 -17.41 0.49
N ALA C 199 17.70 -17.01 1.26
CA ALA C 199 19.10 -16.77 0.74
C ALA C 199 19.67 -17.98 0.03
N LYS C 200 19.65 -19.13 0.69
CA LYS C 200 20.13 -20.39 0.14
C LYS C 200 19.32 -20.89 -1.04
N LEU C 201 18.02 -20.65 -0.99
CA LEU C 201 17.16 -21.02 -2.10
C LEU C 201 17.51 -20.26 -3.40
N ARG C 202 17.79 -18.96 -3.29
CA ARG C 202 18.22 -18.16 -4.46
C ARG C 202 19.54 -18.68 -5.03
N GLU C 203 20.48 -18.98 -4.13
CA GLU C 203 21.77 -19.53 -4.58
C GLU C 203 21.58 -20.85 -5.30
N ARG C 204 20.63 -21.67 -4.84
CA ARG C 204 20.33 -22.94 -5.53
C ARG C 204 19.61 -22.74 -6.85
N LEU C 205 18.71 -21.76 -6.94
CA LEU C 205 18.03 -21.51 -8.18
C LEU C 205 19.07 -21.06 -9.27
N LYS C 206 20.04 -20.23 -8.86
CA LYS C 206 21.09 -19.77 -9.75
C LYS C 206 21.93 -20.95 -10.18
N SER C 207 22.58 -21.58 -9.22
CA SER C 207 23.50 -22.68 -9.48
C SER C 207 22.85 -23.85 -10.16
N ASP C 208 21.60 -24.17 -9.82
CA ASP C 208 21.00 -25.38 -10.37
C ASP C 208 20.17 -25.15 -11.57
N PHE C 209 19.64 -23.95 -11.74
CA PHE C 209 18.66 -23.71 -12.80
C PHE C 209 18.99 -22.47 -13.62
N GLY C 210 20.03 -21.74 -13.23
CA GLY C 210 20.41 -20.53 -13.93
C GLY C 210 19.36 -19.45 -13.75
N VAL C 211 18.66 -19.49 -12.63
CA VAL C 211 17.60 -18.55 -12.44
C VAL C 211 18.19 -17.49 -11.59
N VAL C 212 18.29 -16.29 -12.16
CA VAL C 212 18.76 -15.08 -11.48
C VAL C 212 17.79 -13.88 -11.66
N LYS C 213 17.96 -12.88 -10.80
CA LYS C 213 17.27 -11.59 -10.85
C LYS C 213 17.27 -11.10 -12.26
N ASN C 214 16.18 -10.56 -12.72
CA ASN C 214 16.17 -9.92 -14.03
C ASN C 214 16.85 -8.52 -13.92
N SER C 215 16.90 -7.75 -15.02
CA SER C 215 17.58 -6.43 -15.01
C SER C 215 16.89 -5.52 -14.01
N LYS C 216 15.61 -5.81 -13.78
CA LYS C 216 14.80 -5.12 -12.75
C LYS C 216 15.02 -5.51 -11.31
N GLY C 217 15.98 -6.36 -10.96
CA GLY C 217 16.19 -6.76 -9.56
C GLY C 217 15.25 -7.83 -8.96
N LYS C 218 14.34 -8.36 -9.78
CA LYS C 218 13.30 -9.33 -9.32
C LYS C 218 13.47 -10.73 -9.90
N LEU C 219 13.03 -11.72 -9.14
CA LEU C 219 12.95 -13.12 -9.58
C LEU C 219 11.62 -13.51 -10.16
N GLY C 220 10.59 -12.68 -9.99
CA GLY C 220 9.26 -13.04 -10.48
C GLY C 220 8.64 -14.21 -9.70
N VAL C 221 8.91 -14.24 -8.40
CA VAL C 221 8.40 -15.27 -7.47
C VAL C 221 8.01 -14.58 -6.21
N ASP C 222 6.74 -14.67 -5.86
CA ASP C 222 6.20 -14.17 -4.59
C ASP C 222 6.60 -15.04 -3.40
N CYS C 223 7.20 -14.45 -2.38
CA CYS C 223 7.61 -15.15 -1.14
C CYS C 223 7.12 -14.53 0.16
N VAL C 224 6.55 -15.34 1.05
CA VAL C 224 6.23 -14.91 2.41
C VAL C 224 7.47 -14.96 3.29
N PHE C 225 7.75 -13.88 4.00
CA PHE C 225 8.92 -13.81 4.82
C PHE C 225 8.64 -12.84 5.98
N SER C 226 9.54 -12.85 6.96
CA SER C 226 9.47 -11.90 8.03
C SER C 226 10.71 -10.97 8.07
N THR C 227 10.50 -9.74 8.51
CA THR C 227 11.60 -8.81 8.66
C THR C 227 12.32 -9.06 9.98
N GLU C 228 11.72 -9.90 10.84
CA GLU C 228 12.25 -10.07 12.18
C GLU C 228 13.64 -10.71 12.18
N ALA C 229 14.51 -10.19 13.03
CA ALA C 229 15.87 -10.77 13.18
C ALA C 229 15.77 -12.16 13.82
N LEU C 230 16.53 -13.10 13.32
CA LEU C 230 16.44 -14.49 13.76
C LEU C 230 16.93 -14.67 15.18
N VAL C 231 16.15 -15.45 15.94
CA VAL C 231 16.44 -15.81 17.31
C VAL C 231 17.04 -17.22 17.33
N TYR C 232 18.32 -17.32 17.70
CA TYR C 232 19.06 -18.60 17.79
C TYR C 232 18.80 -19.35 19.10
N PRO C 233 18.93 -20.68 19.11
CA PRO C 233 18.92 -21.34 20.44
C PRO C 233 20.30 -21.24 21.17
N GLY C 257 19.33 -26.82 15.72
CA GLY C 257 18.67 -25.83 14.89
C GLY C 257 17.55 -25.03 15.57
N PHE C 258 16.77 -24.32 14.75
CA PHE C 258 15.86 -23.29 15.30
C PHE C 258 14.56 -23.88 15.88
N GLY C 259 14.07 -23.26 16.93
CA GLY C 259 12.71 -23.60 17.45
C GLY C 259 11.66 -22.86 16.60
N ALA C 260 10.40 -22.95 17.01
CA ALA C 260 9.31 -22.35 16.23
C ALA C 260 8.10 -22.24 17.10
N ALA C 261 7.19 -21.33 16.70
CA ALA C 261 5.93 -21.18 17.40
C ALA C 261 4.75 -21.18 16.40
N THR C 262 3.65 -21.80 16.80
CA THR C 262 2.42 -21.86 15.98
C THR C 262 2.04 -20.43 15.56
N MSE C 263 2.15 -19.48 16.49
CA MSE C 263 1.69 -18.08 16.23
C MSE C 263 2.36 -17.53 14.98
O MSE C 263 1.74 -16.76 14.21
CB MSE C 263 1.89 -17.15 17.44
CG MSE C 263 1.06 -17.43 18.71
SE MSE C 263 1.80 -19.04 19.70
CE MSE C 263 3.28 -18.02 20.57
N VAL C 264 3.64 -17.88 14.76
CA VAL C 264 4.34 -17.41 13.58
C VAL C 264 4.19 -18.30 12.37
N THR C 265 4.46 -19.59 12.54
CA THR C 265 4.42 -20.46 11.38
C THR C 265 3.05 -20.51 10.76
N ALA C 266 1.99 -20.56 11.56
CA ALA C 266 0.60 -20.56 11.04
C ALA C 266 0.28 -19.28 10.32
N THR C 267 0.75 -18.15 10.87
CA THR C 267 0.55 -16.87 10.22
C THR C 267 1.29 -16.81 8.86
N PHE C 268 2.47 -17.42 8.72
CA PHE C 268 3.09 -17.53 7.39
C PHE C 268 2.13 -18.23 6.43
N GLY C 269 1.45 -19.27 6.90
CA GLY C 269 0.54 -20.03 5.99
C GLY C 269 -0.67 -19.21 5.65
N PHE C 270 -1.15 -18.46 6.65
CA PHE C 270 -2.35 -17.64 6.45
C PHE C 270 -2.09 -16.47 5.52
N VAL C 271 -0.91 -15.87 5.68
CA VAL C 271 -0.46 -14.84 4.76
C VAL C 271 -0.30 -15.33 3.31
N ALA C 272 0.24 -16.54 3.13
CA ALA C 272 0.38 -17.11 1.82
C ALA C 272 -1.02 -17.32 1.19
N VAL C 273 -1.94 -17.84 1.97
CA VAL C 273 -3.33 -18.04 1.43
C VAL C 273 -4.00 -16.70 1.08
N SER C 274 -3.84 -15.67 1.94
CA SER C 274 -4.51 -14.36 1.67
C SER C 274 -3.91 -13.77 0.40
N HIS C 275 -2.59 -13.88 0.24
CA HIS C 275 -1.93 -13.39 -0.95
C HIS C 275 -2.43 -14.06 -2.21
N ALA C 276 -2.54 -15.39 -2.22
CA ALA C 276 -2.97 -16.10 -3.39
C ALA C 276 -4.42 -15.73 -3.70
N LEU C 277 -5.28 -15.73 -2.68
CA LEU C 277 -6.72 -15.41 -2.91
C LEU C 277 -6.89 -13.96 -3.52
N LYS C 278 -6.09 -13.04 -3.02
CA LYS C 278 -6.06 -11.69 -3.54
C LYS C 278 -5.67 -11.69 -5.03
N LYS C 279 -4.58 -12.38 -5.36
CA LYS C 279 -4.14 -12.45 -6.72
C LYS C 279 -5.20 -13.12 -7.59
N MSE C 280 -5.86 -14.15 -7.08
CA MSE C 280 -6.88 -14.82 -7.87
C MSE C 280 -8.06 -13.97 -8.20
O MSE C 280 -8.60 -14.04 -9.34
CB MSE C 280 -7.42 -16.08 -7.17
CG MSE C 280 -6.32 -17.14 -7.29
SE MSE C 280 -6.75 -18.63 -6.04
CE MSE C 280 -8.50 -19.12 -6.73
N MSE C 281 -8.46 -13.16 -7.21
CA MSE C 281 -9.61 -12.24 -7.34
C MSE C 281 -9.29 -11.15 -8.31
O MSE C 281 -10.14 -10.78 -9.09
CB MSE C 281 -10.06 -11.67 -6.00
CG MSE C 281 -10.78 -12.74 -5.19
SE MSE C 281 -11.22 -12.15 -3.35
CE MSE C 281 -12.44 -10.62 -3.74
N ALA C 282 -8.07 -10.64 -8.28
CA ALA C 282 -7.64 -9.55 -9.13
C ALA C 282 -7.56 -10.03 -10.58
N LYS C 283 -7.12 -11.28 -10.80
CA LYS C 283 -7.09 -11.86 -12.13
C LYS C 283 -8.50 -12.09 -12.66
N ALA C 284 -9.42 -12.55 -11.82
CA ALA C 284 -10.79 -12.78 -12.24
C ALA C 284 -11.50 -11.45 -12.54
N ALA C 285 -11.17 -10.40 -11.81
CA ALA C 285 -11.75 -9.06 -12.04
C ALA C 285 -11.31 -8.43 -13.35
N ARG C 286 -10.10 -8.75 -13.80
CA ARG C 286 -9.61 -8.28 -15.12
C ARG C 286 -10.28 -9.02 -16.31
N GLN C 287 -10.81 -10.23 -16.06
CA GLN C 287 -11.73 -11.01 -16.96
C GLN C 287 -11.13 -12.38 -17.34
N VAL D 23 5.04 -27.20 38.27
CA VAL D 23 4.90 -28.36 37.32
C VAL D 23 6.27 -28.97 37.03
N VAL D 24 6.41 -30.28 37.32
CA VAL D 24 7.63 -30.98 36.98
C VAL D 24 7.51 -31.41 35.52
N ILE D 25 8.22 -30.76 34.61
CA ILE D 25 8.10 -31.05 33.16
C ILE D 25 8.67 -32.43 32.82
N SER D 26 7.86 -33.36 32.34
CA SER D 26 8.31 -34.71 31.98
C SER D 26 9.18 -34.68 30.73
N ASP D 27 9.83 -35.81 30.42
CA ASP D 27 10.51 -35.88 29.12
C ASP D 27 9.50 -35.89 27.97
N ALA D 28 8.30 -36.43 28.17
CA ALA D 28 7.33 -36.48 27.11
C ALA D 28 6.92 -35.00 26.76
N TRP D 29 6.81 -34.15 27.77
CA TRP D 29 6.47 -32.76 27.61
C TRP D 29 7.58 -32.03 26.87
N ARG D 30 8.80 -32.30 27.25
CA ARG D 30 9.98 -31.73 26.66
C ARG D 30 10.12 -32.10 25.20
N GLN D 31 9.65 -33.28 24.85
CA GLN D 31 9.70 -33.75 23.51
C GLN D 31 8.62 -33.06 22.66
N ARG D 32 7.43 -32.99 23.18
CA ARG D 32 6.30 -32.25 22.55
C ARG D 32 6.65 -30.82 22.29
N PHE D 33 7.34 -30.20 23.25
CA PHE D 33 7.56 -28.74 23.25
C PHE D 33 9.06 -28.36 23.13
N GLY D 34 9.85 -29.28 22.59
CA GLY D 34 11.29 -29.03 22.34
C GLY D 34 11.48 -27.79 21.49
N GLY D 35 10.66 -27.59 20.45
CA GLY D 35 10.82 -26.42 19.61
C GLY D 35 10.46 -25.10 20.30
N THR D 36 9.60 -25.17 21.31
CA THR D 36 9.24 -24.04 22.13
C THR D 36 10.44 -23.68 22.99
N ALA D 37 11.03 -24.68 23.64
CA ALA D 37 12.25 -24.46 24.42
C ALA D 37 13.34 -23.85 23.58
N ARG D 38 13.57 -24.37 22.38
CA ARG D 38 14.66 -23.88 21.49
C ARG D 38 14.41 -22.46 21.03
N LEU D 39 13.12 -22.10 20.93
CA LEU D 39 12.72 -20.71 20.55
C LEU D 39 12.81 -19.68 21.69
N TYR D 40 12.14 -19.96 22.80
CA TYR D 40 11.98 -19.02 23.91
C TYR D 40 12.96 -19.27 25.09
N GLY D 41 13.55 -20.47 25.15
CA GLY D 41 14.52 -20.76 26.22
C GLY D 41 13.90 -21.61 27.30
N GLU D 42 14.75 -22.20 28.14
CA GLU D 42 14.27 -23.08 29.16
C GLU D 42 13.53 -22.43 30.23
N LYS D 43 13.93 -21.23 30.62
CA LYS D 43 13.23 -20.60 31.68
C LYS D 43 11.78 -20.30 31.21
N ALA D 44 11.66 -19.92 29.98
CA ALA D 44 10.35 -19.64 29.39
C ALA D 44 9.53 -20.89 29.36
N LEU D 45 10.15 -22.05 29.00
CA LEU D 45 9.40 -23.30 28.94
C LEU D 45 8.80 -23.57 30.28
N GLN D 46 9.62 -23.36 31.33
CA GLN D 46 9.17 -23.62 32.67
C GLN D 46 8.11 -22.57 33.05
N LEU D 47 8.31 -21.33 32.64
CA LEU D 47 7.31 -20.25 32.92
C LEU D 47 5.92 -20.63 32.35
N PHE D 48 5.96 -21.13 31.12
CA PHE D 48 4.74 -21.52 30.40
C PHE D 48 4.09 -22.70 31.07
N ALA D 49 4.88 -23.76 31.43
CA ALA D 49 4.35 -24.89 32.09
C ALA D 49 3.66 -24.52 33.42
N ASP D 50 4.21 -23.49 34.09
CA ASP D 50 3.70 -23.08 35.43
C ASP D 50 2.55 -22.06 35.24
N ALA D 51 2.29 -21.62 34.03
CA ALA D 51 1.21 -20.63 33.80
C ALA D 51 -0.22 -21.21 33.81
N HIS D 52 -1.20 -20.37 34.20
CA HIS D 52 -2.58 -20.69 34.08
C HIS D 52 -3.24 -19.52 33.30
N ILE D 53 -3.68 -19.78 32.07
CA ILE D 53 -4.24 -18.74 31.20
C ILE D 53 -5.73 -19.03 30.89
N CYS D 54 -6.53 -17.97 30.97
CA CYS D 54 -7.94 -18.02 30.74
C CYS D 54 -8.26 -17.37 29.40
N VAL D 55 -9.03 -18.08 28.59
CA VAL D 55 -9.56 -17.55 27.35
C VAL D 55 -11.12 -17.46 27.49
N VAL D 56 -11.59 -16.24 27.38
CA VAL D 56 -13.03 -15.96 27.45
C VAL D 56 -13.60 -15.73 26.07
N GLY D 57 -14.41 -16.71 25.65
CA GLY D 57 -15.09 -16.70 24.33
C GLY D 57 -14.24 -17.46 23.33
N ILE D 58 -14.77 -18.58 22.92
CA ILE D 58 -14.00 -19.55 22.17
C ILE D 58 -14.62 -19.56 20.77
N GLY D 59 -14.53 -18.41 20.09
CA GLY D 59 -15.11 -18.25 18.75
C GLY D 59 -14.03 -18.01 17.71
N GLY D 60 -14.28 -17.05 16.82
CA GLY D 60 -13.37 -16.77 15.69
C GLY D 60 -11.95 -16.32 16.05
N VAL D 61 -11.85 -15.59 17.15
CA VAL D 61 -10.56 -15.23 17.73
C VAL D 61 -10.15 -16.22 18.84
N GLY D 62 -11.04 -16.53 19.80
CA GLY D 62 -10.60 -17.20 21.02
C GLY D 62 -10.24 -18.70 20.79
N SER D 63 -10.89 -19.38 19.84
CA SER D 63 -10.56 -20.75 19.54
C SER D 63 -9.09 -20.86 19.07
N TRP D 64 -8.61 -19.92 18.25
CA TRP D 64 -7.25 -19.99 17.79
C TRP D 64 -6.28 -19.59 18.88
N ALA D 65 -6.70 -18.65 19.73
CA ALA D 65 -5.84 -18.32 20.91
C ALA D 65 -5.62 -19.54 21.78
N ALA D 66 -6.72 -20.28 22.09
CA ALA D 66 -6.67 -21.49 22.83
C ALA D 66 -5.70 -22.51 22.22
N GLU D 67 -5.85 -22.75 20.91
CA GLU D 67 -4.96 -23.67 20.17
C GLU D 67 -3.48 -23.28 20.39
N ALA D 68 -3.20 -21.97 20.26
CA ALA D 68 -1.85 -21.43 20.35
C ALA D 68 -1.26 -21.55 21.77
N LEU D 69 -2.07 -21.28 22.78
CA LEU D 69 -1.62 -21.53 24.20
C LEU D 69 -1.22 -23.01 24.40
N ALA D 70 -2.10 -23.89 23.94
CA ALA D 70 -1.84 -25.36 24.05
C ALA D 70 -0.58 -25.76 23.34
N ARG D 71 -0.40 -25.27 22.12
CA ARG D 71 0.78 -25.60 21.33
C ARG D 71 2.06 -24.85 21.72
N THR D 72 2.01 -24.00 22.75
CA THR D 72 3.21 -23.33 23.22
C THR D 72 3.50 -23.76 24.67
N GLY D 73 2.88 -24.88 25.08
CA GLY D 73 3.17 -25.52 26.32
C GLY D 73 2.73 -24.79 27.57
N ILE D 74 1.66 -24.03 27.44
CA ILE D 74 0.99 -23.48 28.61
C ILE D 74 0.39 -24.63 29.42
N GLY D 75 0.66 -24.66 30.71
CA GLY D 75 0.36 -25.80 31.49
C GLY D 75 -1.01 -25.93 32.02
N ALA D 76 -1.75 -24.81 32.06
CA ALA D 76 -3.08 -24.90 32.52
C ALA D 76 -3.87 -23.84 31.73
N ILE D 77 -5.03 -24.23 31.22
CA ILE D 77 -5.83 -23.36 30.45
C ILE D 77 -7.31 -23.53 30.90
N THR D 78 -7.98 -22.39 31.07
CA THR D 78 -9.39 -22.34 31.32
C THR D 78 -10.10 -21.69 30.15
N LEU D 79 -11.18 -22.32 29.74
CA LEU D 79 -12.00 -21.78 28.66
C LEU D 79 -13.35 -21.44 29.18
N ILE D 80 -13.81 -20.22 28.82
CA ILE D 80 -15.17 -19.72 29.25
C ILE D 80 -16.05 -19.38 28.07
N ASP D 81 -17.12 -20.14 27.92
CA ASP D 81 -18.11 -19.94 26.87
C ASP D 81 -19.27 -20.87 27.17
N MSE D 82 -20.44 -20.51 26.68
CA MSE D 82 -21.64 -21.32 26.84
C MSE D 82 -22.22 -21.80 25.53
O MSE D 82 -23.09 -22.66 25.53
CB MSE D 82 -22.73 -20.49 27.59
CG MSE D 82 -23.43 -21.45 28.53
SE MSE D 82 -24.77 -20.41 29.50
CE MSE D 82 -24.40 -20.95 31.33
N ASP D 83 -21.72 -21.30 24.40
CA ASP D 83 -22.44 -21.41 23.16
C ASP D 83 -22.03 -22.70 22.48
N ASP D 84 -22.89 -23.22 21.60
CA ASP D 84 -22.59 -24.48 20.91
C ASP D 84 -21.95 -24.25 19.54
N VAL D 85 -21.33 -25.29 19.01
CA VAL D 85 -20.69 -25.18 17.67
C VAL D 85 -21.83 -25.20 16.62
N CYS D 86 -21.84 -24.19 15.75
CA CYS D 86 -22.79 -24.06 14.64
CA CYS D 86 -22.80 -24.07 14.65
C CYS D 86 -22.09 -24.18 13.27
N VAL D 87 -22.77 -24.77 12.32
CA VAL D 87 -22.23 -24.94 11.00
C VAL D 87 -21.76 -23.65 10.41
N THR D 88 -22.43 -22.55 10.69
CA THR D 88 -22.01 -21.28 10.17
C THR D 88 -20.70 -20.78 10.83
N ASN D 89 -20.21 -21.44 11.88
CA ASN D 89 -18.86 -21.13 12.44
C ASN D 89 -17.65 -21.57 11.51
N THR D 90 -17.95 -22.36 10.48
CA THR D 90 -16.94 -23.11 9.69
C THR D 90 -15.91 -22.24 9.00
N ASN D 91 -16.32 -21.07 8.57
CA ASN D 91 -15.35 -20.13 7.99
C ASN D 91 -14.21 -19.60 8.88
N ARG D 92 -14.33 -19.68 10.22
CA ARG D 92 -13.35 -19.03 11.03
C ARG D 92 -13.09 -19.58 12.41
N GLN D 93 -13.59 -20.77 12.73
CA GLN D 93 -13.41 -21.34 14.03
C GLN D 93 -12.85 -22.76 13.95
N ILE D 94 -11.77 -23.00 14.72
CA ILE D 94 -10.98 -24.23 14.66
C ILE D 94 -11.73 -25.42 15.07
N HIS D 95 -12.75 -25.22 15.92
CA HIS D 95 -13.50 -26.32 16.46
C HIS D 95 -14.72 -26.64 15.55
N ALA D 96 -14.94 -25.85 14.49
CA ALA D 96 -16.12 -25.98 13.63
C ALA D 96 -15.82 -27.12 12.59
N LEU D 97 -16.22 -28.34 12.97
CA LEU D 97 -16.12 -29.54 12.13
C LEU D 97 -17.48 -30.27 12.19
N ARG D 98 -17.79 -31.00 11.12
CA ARG D 98 -19.06 -31.74 10.98
C ARG D 98 -19.50 -32.39 12.25
N ASP D 99 -18.64 -33.23 12.78
CA ASP D 99 -18.91 -34.01 13.96
C ASP D 99 -19.03 -33.25 15.28
N ASN D 100 -18.73 -31.94 15.29
CA ASN D 100 -18.75 -31.13 16.52
C ASN D 100 -19.95 -30.21 16.57
N VAL D 101 -20.61 -30.05 15.43
CA VAL D 101 -21.79 -29.25 15.36
C VAL D 101 -22.86 -29.70 16.42
N GLY D 102 -23.46 -28.72 17.07
CA GLY D 102 -24.38 -28.97 18.22
C GLY D 102 -23.77 -29.18 19.61
N LEU D 103 -22.43 -29.34 19.70
CA LEU D 103 -21.75 -29.57 20.97
C LEU D 103 -21.20 -28.25 21.48
N ALA D 104 -20.88 -28.18 22.77
CA ALA D 104 -20.44 -26.93 23.38
C ALA D 104 -19.03 -26.58 22.90
N LYS D 105 -18.86 -25.36 22.46
CA LYS D 105 -17.60 -24.84 21.93
C LYS D 105 -16.48 -25.11 22.89
N ALA D 106 -16.73 -24.76 24.14
CA ALA D 106 -15.67 -24.85 25.14
C ALA D 106 -15.23 -26.27 25.40
N GLU D 107 -16.18 -27.20 25.47
CA GLU D 107 -15.85 -28.59 25.74
C GLU D 107 -15.12 -29.31 24.55
N VAL D 108 -15.55 -29.00 23.34
CA VAL D 108 -14.93 -29.52 22.16
C VAL D 108 -13.45 -29.01 22.10
N MSE D 109 -13.29 -27.73 22.41
CA MSE D 109 -11.97 -27.11 22.41
C MSE D 109 -11.11 -27.69 23.51
O MSE D 109 -9.92 -27.93 23.31
CB MSE D 109 -12.12 -25.58 22.45
CG MSE D 109 -10.77 -24.93 22.30
SE MSE D 109 -10.30 -25.04 20.35
CE MSE D 109 -8.33 -25.29 20.47
N ALA D 110 -11.71 -27.94 24.67
CA ALA D 110 -10.98 -28.57 25.75
C ALA D 110 -10.48 -29.94 25.37
N GLU D 111 -11.31 -30.72 24.68
CA GLU D 111 -10.90 -32.09 24.34
C GLU D 111 -9.71 -32.06 23.38
N ARG D 112 -9.73 -31.11 22.49
CA ARG D 112 -8.68 -30.91 21.52
C ARG D 112 -7.37 -30.51 22.25
N ILE D 113 -7.46 -29.62 23.21
CA ILE D 113 -6.31 -29.27 24.01
C ILE D 113 -5.70 -30.46 24.70
N ARG D 114 -6.52 -31.33 25.30
CA ARG D 114 -6.00 -32.53 25.92
C ARG D 114 -5.35 -33.48 24.88
N GLN D 115 -5.80 -33.47 23.63
CA GLN D 115 -5.13 -34.19 22.52
C GLN D 115 -3.78 -33.56 22.10
N ILE D 116 -3.71 -32.25 22.19
CA ILE D 116 -2.46 -31.54 21.93
C ILE D 116 -1.45 -31.79 23.01
N ASN D 117 -1.87 -31.58 24.29
CA ASN D 117 -1.03 -31.83 25.42
C ASN D 117 -1.81 -32.57 26.49
N PRO D 118 -1.73 -33.92 26.51
CA PRO D 118 -2.44 -34.77 27.50
C PRO D 118 -2.12 -34.39 28.95
N GLU D 119 -1.00 -33.72 29.15
CA GLU D 119 -0.64 -33.24 30.50
C GLU D 119 -1.08 -31.82 30.83
N CYS D 120 -1.77 -31.11 29.93
CA CYS D 120 -2.24 -29.76 30.27
C CYS D 120 -3.42 -29.94 31.20
N ARG D 121 -3.55 -29.09 32.22
CA ARG D 121 -4.76 -29.05 33.05
C ARG D 121 -5.79 -28.08 32.42
N VAL D 122 -6.86 -28.65 31.85
CA VAL D 122 -7.84 -27.88 31.15
C VAL D 122 -9.17 -27.82 31.94
N THR D 123 -9.68 -26.60 32.12
CA THR D 123 -10.85 -26.33 32.90
C THR D 123 -11.87 -25.61 32.01
N VAL D 124 -13.07 -26.14 31.98
CA VAL D 124 -14.13 -25.53 31.22
C VAL D 124 -15.11 -24.85 32.19
N VAL D 125 -15.42 -23.58 31.97
CA VAL D 125 -16.51 -22.84 32.65
C VAL D 125 -17.63 -22.73 31.63
N ASP D 126 -18.67 -23.52 31.84
CA ASP D 126 -19.74 -23.64 30.92
C ASP D 126 -20.75 -22.56 31.20
N ASP D 127 -20.36 -21.33 30.89
CA ASP D 127 -21.15 -20.18 31.22
C ASP D 127 -20.72 -19.00 30.39
N PHE D 128 -21.53 -17.94 30.41
CA PHE D 128 -21.11 -16.63 29.95
C PHE D 128 -20.68 -15.73 31.09
N VAL D 129 -19.61 -14.97 30.85
CA VAL D 129 -19.15 -14.01 31.82
C VAL D 129 -20.24 -12.89 31.89
N THR D 130 -20.59 -12.42 33.07
CA THR D 130 -21.55 -11.32 33.23
C THR D 130 -20.94 -10.34 34.21
N PRO D 131 -21.51 -9.12 34.29
CA PRO D 131 -21.00 -8.21 35.31
C PRO D 131 -21.19 -8.75 36.72
N ASP D 132 -22.21 -9.57 36.93
CA ASP D 132 -22.43 -10.24 38.22
C ASP D 132 -21.51 -11.41 38.56
N ASN D 133 -21.02 -12.16 37.57
CA ASN D 133 -20.18 -13.34 37.89
C ASN D 133 -18.70 -13.10 37.62
N VAL D 134 -18.35 -11.93 37.13
CA VAL D 134 -16.99 -11.72 36.69
C VAL D 134 -16.02 -11.96 37.83
N ALA D 135 -16.42 -11.60 39.05
CA ALA D 135 -15.49 -11.64 40.16
C ALA D 135 -15.17 -13.09 40.54
N GLN D 136 -16.23 -13.91 40.67
CA GLN D 136 -16.10 -15.30 40.92
C GLN D 136 -15.17 -15.97 39.88
N TYR D 137 -15.41 -15.72 38.61
CA TYR D 137 -14.59 -16.34 37.55
C TYR D 137 -13.16 -15.82 37.45
N MSE D 138 -12.89 -14.59 37.86
CA MSE D 138 -11.52 -14.08 37.81
C MSE D 138 -10.77 -14.33 39.11
O MSE D 138 -9.59 -14.01 39.23
CB MSE D 138 -11.56 -12.59 37.47
CG MSE D 138 -12.13 -12.37 36.10
SE MSE D 138 -10.82 -13.07 34.77
CE MSE D 138 -12.07 -14.36 33.98
N SER D 139 -11.43 -14.94 40.10
CA SER D 139 -10.80 -15.11 41.39
C SER D 139 -9.77 -16.25 41.41
N VAL D 140 -9.62 -16.97 40.29
CA VAL D 140 -8.80 -18.15 40.25
C VAL D 140 -7.30 -17.78 40.28
N GLY D 141 -6.92 -16.56 40.00
CA GLY D 141 -5.51 -16.21 40.08
C GLY D 141 -4.76 -16.52 38.79
N TYR D 142 -5.30 -16.06 37.65
CA TYR D 142 -4.70 -16.33 36.36
C TYR D 142 -3.44 -15.60 36.12
N SER D 143 -2.48 -16.25 35.46
CA SER D 143 -1.36 -15.56 34.84
C SER D 143 -1.68 -14.55 33.77
N TYR D 144 -2.74 -14.79 33.02
CA TYR D 144 -3.12 -13.94 31.89
C TYR D 144 -4.53 -14.31 31.54
N VAL D 145 -5.25 -13.30 31.09
CA VAL D 145 -6.60 -13.46 30.53
C VAL D 145 -6.63 -12.91 29.09
N ILE D 146 -7.20 -13.72 28.20
CA ILE D 146 -7.39 -13.33 26.84
C ILE D 146 -8.87 -13.18 26.64
N ASP D 147 -9.26 -11.93 26.41
CA ASP D 147 -10.63 -11.56 26.22
C ASP D 147 -10.93 -11.62 24.72
N ALA D 148 -11.72 -12.61 24.34
CA ALA D 148 -12.17 -12.73 22.95
C ALA D 148 -13.72 -12.76 22.84
N ILE D 149 -14.37 -11.98 23.68
CA ILE D 149 -15.85 -11.86 23.68
C ILE D 149 -16.24 -10.84 22.62
N ASP D 150 -17.43 -11.01 22.05
CA ASP D 150 -17.98 -9.99 21.14
C ASP D 150 -18.91 -8.93 21.84
N SER D 151 -19.71 -9.31 22.83
CA SER D 151 -20.73 -8.41 23.45
C SER D 151 -20.06 -7.37 24.30
N VAL D 152 -20.43 -6.12 24.03
CA VAL D 152 -19.74 -5.01 24.58
C VAL D 152 -19.94 -4.99 26.06
N ARG D 153 -21.10 -5.31 26.55
CA ARG D 153 -21.35 -5.18 27.99
C ARG D 153 -20.47 -6.07 28.85
N PRO D 154 -20.49 -7.40 28.59
CA PRO D 154 -19.59 -8.23 29.48
C PRO D 154 -18.12 -8.00 29.21
N LYS D 155 -17.78 -7.63 27.97
CA LYS D 155 -16.44 -7.32 27.58
C LYS D 155 -15.91 -6.13 28.38
N ALA D 156 -16.70 -5.04 28.46
CA ALA D 156 -16.35 -3.95 29.38
C ALA D 156 -16.30 -4.38 30.86
N ALA D 157 -17.21 -5.21 31.34
CA ALA D 157 -17.13 -5.61 32.75
C ALA D 157 -15.82 -6.42 32.99
N LEU D 158 -15.50 -7.29 32.04
CA LEU D 158 -14.32 -8.14 32.15
C LEU D 158 -13.06 -7.32 32.23
N ILE D 159 -12.90 -6.42 31.26
CA ILE D 159 -11.80 -5.54 31.16
C ILE D 159 -11.65 -4.62 32.42
N ALA D 160 -12.77 -4.07 32.91
CA ALA D 160 -12.73 -3.13 34.05
C ALA D 160 -12.26 -3.86 35.28
N TYR D 161 -12.71 -5.08 35.47
CA TYR D 161 -12.39 -5.84 36.63
C TYR D 161 -10.95 -6.28 36.64
N CYS D 162 -10.46 -6.73 35.49
CA CYS D 162 -9.04 -7.10 35.33
C CYS D 162 -8.08 -5.90 35.51
N ARG D 163 -8.43 -4.77 34.90
CA ARG D 163 -7.66 -3.58 34.99
C ARG D 163 -7.55 -3.07 36.44
N ARG D 164 -8.67 -3.06 37.15
CA ARG D 164 -8.76 -2.62 38.55
C ARG D 164 -8.01 -3.58 39.46
N ASN D 165 -8.08 -4.90 39.20
CA ASN D 165 -7.35 -5.83 40.06
C ASN D 165 -5.94 -6.20 39.57
N LYS D 166 -5.43 -5.47 38.60
CA LYS D 166 -4.16 -5.69 37.97
C LYS D 166 -3.93 -7.17 37.51
N ILE D 167 -4.98 -7.82 37.01
CA ILE D 167 -4.89 -9.13 36.36
C ILE D 167 -4.38 -8.94 34.91
N PRO D 168 -3.28 -9.60 34.54
CA PRO D 168 -2.74 -9.31 33.23
C PRO D 168 -3.77 -9.74 32.18
N LEU D 169 -4.05 -8.84 31.27
CA LEU D 169 -5.09 -9.02 30.24
C LEU D 169 -4.70 -8.48 28.89
N VAL D 170 -5.10 -9.22 27.85
CA VAL D 170 -5.09 -8.66 26.49
C VAL D 170 -6.52 -8.84 25.92
N THR D 171 -7.04 -7.77 25.31
CA THR D 171 -8.33 -7.84 24.71
C THR D 171 -8.14 -7.75 23.22
N THR D 172 -9.23 -7.97 22.52
CA THR D 172 -9.21 -8.06 21.08
C THR D 172 -10.36 -7.19 20.59
N GLY D 173 -10.05 -6.31 19.66
CA GLY D 173 -11.12 -5.55 18.94
C GLY D 173 -11.91 -6.41 17.97
N GLY D 174 -12.63 -5.81 17.04
CA GLY D 174 -13.40 -6.61 16.07
C GLY D 174 -12.49 -7.15 14.98
N ALA D 175 -12.63 -8.45 14.70
CA ALA D 175 -11.83 -9.17 13.72
C ALA D 175 -12.65 -9.52 12.50
N GLY D 176 -13.96 -9.38 12.62
CA GLY D 176 -14.88 -9.64 11.52
C GLY D 176 -14.77 -8.61 10.44
N GLY D 177 -15.30 -9.01 9.30
CA GLY D 177 -15.37 -8.10 8.18
C GLY D 177 -14.08 -7.62 7.61
N GLN D 178 -12.97 -8.37 7.80
CA GLN D 178 -11.66 -7.93 7.34
C GLN D 178 -10.85 -9.07 6.67
N ILE D 179 -10.02 -8.73 5.69
CA ILE D 179 -9.29 -9.72 4.83
C ILE D 179 -7.74 -9.68 4.88
N ASP D 180 -7.16 -8.65 5.49
CA ASP D 180 -5.73 -8.53 5.46
C ASP D 180 -5.01 -8.90 6.80
N PRO D 181 -4.45 -10.12 6.90
CA PRO D 181 -3.84 -10.54 8.13
C PRO D 181 -2.55 -9.74 8.48
N THR D 182 -2.01 -9.00 7.55
CA THR D 182 -0.77 -8.26 7.80
C THR D 182 -0.96 -6.87 8.46
N GLN D 183 -2.18 -6.44 8.73
CA GLN D 183 -2.42 -5.10 9.37
C GLN D 183 -2.86 -5.21 10.84
N ILE D 184 -2.48 -6.31 11.49
CA ILE D 184 -2.93 -6.62 12.85
C ILE D 184 -1.80 -6.24 13.82
N GLN D 185 -2.15 -5.73 14.99
CA GLN D 185 -1.12 -5.31 15.98
C GLN D 185 -1.72 -4.98 17.27
N VAL D 186 -0.86 -4.65 18.22
CA VAL D 186 -1.29 -4.44 19.60
C VAL D 186 -0.95 -2.97 19.96
N THR D 187 -1.91 -2.27 20.55
CA THR D 187 -1.68 -0.96 21.08
C THR D 187 -2.56 -0.78 22.27
N ASP D 188 -2.44 0.38 22.95
CA ASP D 188 -3.35 0.69 24.04
C ASP D 188 -4.76 0.86 23.50
N LEU D 189 -5.77 0.41 24.22
CA LEU D 189 -7.18 0.51 23.72
C LEU D 189 -7.61 1.94 23.28
N ALA D 190 -6.99 2.95 23.91
CA ALA D 190 -7.31 4.37 23.61
C ALA D 190 -6.87 4.70 22.20
N LYS D 191 -5.91 3.93 21.65
CA LYS D 191 -5.32 4.27 20.39
C LYS D 191 -5.73 3.45 19.17
N THR D 192 -6.69 2.55 19.31
CA THR D 192 -7.18 1.81 18.15
C THR D 192 -7.83 2.76 17.14
N ILE D 193 -7.77 2.36 15.87
CA ILE D 193 -8.53 3.00 14.82
C ILE D 193 -9.28 1.93 14.06
N GLN D 194 -10.25 2.39 13.27
CA GLN D 194 -11.03 1.50 12.38
C GLN D 194 -11.72 0.39 13.07
N ASP D 195 -12.07 0.62 14.33
CA ASP D 195 -12.62 -0.47 15.08
C ASP D 195 -13.78 0.02 15.93
N PRO D 196 -15.00 -0.14 15.41
CA PRO D 196 -16.16 0.40 16.14
C PRO D 196 -16.50 -0.39 17.39
N LEU D 197 -16.08 -1.65 17.47
CA LEU D 197 -16.27 -2.40 18.70
C LEU D 197 -15.42 -1.74 19.79
N ALA D 198 -14.17 -1.44 19.45
CA ALA D 198 -13.20 -0.91 20.40
C ALA D 198 -13.68 0.48 20.80
N ALA D 199 -14.25 1.21 19.85
CA ALA D 199 -14.81 2.57 20.13
C ALA D 199 -15.96 2.46 21.12
N LYS D 200 -16.88 1.52 20.90
CA LYS D 200 -17.98 1.27 21.87
C LYS D 200 -17.51 0.85 23.21
N LEU D 201 -16.46 0.03 23.23
CA LEU D 201 -15.97 -0.51 24.45
C LEU D 201 -15.41 0.62 25.30
N ARG D 202 -14.67 1.51 24.70
CA ARG D 202 -14.16 2.66 25.44
C ARG D 202 -15.30 3.52 26.06
N GLU D 203 -16.40 3.69 25.35
CA GLU D 203 -17.52 4.43 25.90
C GLU D 203 -18.20 3.71 27.06
N ARG D 204 -18.34 2.40 26.93
CA ARG D 204 -18.95 1.63 27.98
C ARG D 204 -18.03 1.59 29.22
N LEU D 205 -16.72 1.51 28.95
CA LEU D 205 -15.77 1.60 30.05
C LEU D 205 -15.88 2.96 30.73
N LYS D 206 -15.87 4.06 29.97
CA LYS D 206 -16.12 5.38 30.59
C LYS D 206 -17.45 5.44 31.32
N SER D 207 -18.55 5.05 30.67
CA SER D 207 -19.90 5.25 31.26
C SER D 207 -20.24 4.36 32.44
N ASP D 208 -19.95 3.07 32.39
CA ASP D 208 -20.33 2.23 33.48
C ASP D 208 -19.25 1.93 34.51
N PHE D 209 -17.99 2.26 34.24
CA PHE D 209 -16.89 1.85 35.16
C PHE D 209 -15.94 2.95 35.51
N GLY D 210 -16.19 4.13 34.94
CA GLY D 210 -15.36 5.26 35.21
C GLY D 210 -13.93 5.13 34.75
N VAL D 211 -13.66 4.31 33.73
CA VAL D 211 -12.33 4.18 33.14
C VAL D 211 -12.14 5.16 31.99
N VAL D 212 -11.20 6.10 32.15
CA VAL D 212 -10.90 7.09 31.12
C VAL D 212 -9.40 7.12 30.92
N LYS D 213 -8.96 7.72 29.83
CA LYS D 213 -7.57 7.90 29.53
C LYS D 213 -6.89 8.64 30.67
N ASN D 214 -5.64 8.25 30.93
CA ASN D 214 -4.74 8.97 31.85
C ASN D 214 -4.11 10.19 31.16
N SER D 215 -3.28 10.93 31.87
CA SER D 215 -2.59 12.12 31.33
C SER D 215 -1.74 11.82 30.10
N LYS D 216 -1.31 10.57 29.93
CA LYS D 216 -0.59 10.15 28.72
C LYS D 216 -1.52 9.77 27.57
N GLY D 217 -2.84 9.73 27.79
CA GLY D 217 -3.78 9.33 26.74
C GLY D 217 -3.83 7.80 26.49
N LYS D 218 -3.62 7.03 27.57
CA LYS D 218 -3.67 5.58 27.57
C LYS D 218 -4.68 5.13 28.60
N LEU D 219 -5.37 4.02 28.32
CA LEU D 219 -6.32 3.41 29.23
C LEU D 219 -5.71 2.34 30.13
N GLY D 220 -4.50 1.88 29.82
CA GLY D 220 -3.85 0.81 30.59
C GLY D 220 -4.49 -0.55 30.25
N VAL D 221 -4.92 -0.68 28.98
CA VAL D 221 -5.54 -1.91 28.44
C VAL D 221 -4.95 -2.22 27.06
N ASP D 222 -4.29 -3.38 26.91
CA ASP D 222 -3.66 -3.78 25.65
C ASP D 222 -4.73 -4.37 24.74
N CYS D 223 -4.75 -3.95 23.48
CA CYS D 223 -5.81 -4.32 22.53
C CYS D 223 -5.22 -4.73 21.20
N VAL D 224 -5.59 -5.92 20.76
CA VAL D 224 -5.20 -6.39 19.46
C VAL D 224 -6.20 -5.78 18.48
N PHE D 225 -5.72 -5.20 17.40
CA PHE D 225 -6.66 -4.61 16.43
C PHE D 225 -6.06 -4.56 15.04
N SER D 226 -6.89 -4.20 14.05
CA SER D 226 -6.37 -4.04 12.73
C SER D 226 -6.53 -2.62 12.25
N THR D 227 -5.50 -2.07 11.63
CA THR D 227 -5.63 -0.87 10.85
C THR D 227 -6.51 -0.93 9.58
N GLU D 228 -6.94 -2.10 9.14
CA GLU D 228 -7.68 -2.21 7.88
C GLU D 228 -8.94 -1.38 7.84
N ALA D 229 -9.13 -0.69 6.73
CA ALA D 229 -10.18 0.26 6.58
C ALA D 229 -11.44 -0.48 6.39
N LEU D 230 -12.46 -0.14 7.16
CA LEU D 230 -13.79 -0.79 7.20
C LEU D 230 -14.28 -1.01 8.61
N GLY D 257 -24.76 -9.64 7.78
CA GLY D 257 -23.65 -9.12 8.61
C GLY D 257 -22.33 -8.95 7.86
N PHE D 258 -21.30 -8.50 8.57
CA PHE D 258 -19.89 -8.44 8.13
C PHE D 258 -19.42 -9.87 7.78
N GLY D 259 -18.54 -10.08 6.82
CA GLY D 259 -18.10 -11.50 6.74
C GLY D 259 -16.98 -11.76 7.77
N ALA D 260 -16.26 -12.88 7.60
CA ALA D 260 -15.02 -13.13 8.33
C ALA D 260 -14.18 -14.18 7.63
N ALA D 261 -12.88 -14.10 7.89
CA ALA D 261 -11.89 -15.08 7.34
C ALA D 261 -11.04 -15.64 8.48
N THR D 262 -10.77 -16.94 8.41
CA THR D 262 -9.79 -17.57 9.28
C THR D 262 -8.49 -16.84 9.33
N MSE D 263 -7.99 -16.41 8.19
CA MSE D 263 -6.66 -15.86 8.10
C MSE D 263 -6.51 -14.63 8.93
O MSE D 263 -5.43 -14.36 9.54
CB MSE D 263 -6.34 -15.52 6.65
CG MSE D 263 -6.15 -16.68 5.73
SE MSE D 263 -7.85 -17.48 5.06
CE MSE D 263 -8.24 -15.99 3.82
N VAL D 264 -7.60 -13.86 9.01
CA VAL D 264 -7.61 -12.68 9.95
C VAL D 264 -7.99 -13.04 11.40
N THR D 265 -9.10 -13.72 11.64
CA THR D 265 -9.58 -13.89 13.01
C THR D 265 -8.60 -14.75 13.83
N ALA D 266 -8.01 -15.76 13.19
CA ALA D 266 -6.99 -16.57 13.87
C ALA D 266 -5.75 -15.76 14.21
N THR D 267 -5.33 -14.92 13.26
CA THR D 267 -4.16 -14.12 13.45
C THR D 267 -4.34 -13.14 14.63
N PHE D 268 -5.57 -12.65 14.82
CA PHE D 268 -5.91 -11.88 16.05
C PHE D 268 -5.61 -12.75 17.27
N GLY D 269 -6.12 -13.98 17.27
CA GLY D 269 -5.86 -14.87 18.43
C GLY D 269 -4.37 -15.09 18.68
N PHE D 270 -3.62 -15.31 17.62
CA PHE D 270 -2.16 -15.57 17.71
C PHE D 270 -1.35 -14.40 18.14
N VAL D 271 -1.70 -13.24 17.60
CA VAL D 271 -1.09 -11.99 18.11
C VAL D 271 -1.39 -11.77 19.58
N ALA D 272 -2.63 -12.03 20.02
CA ALA D 272 -2.92 -11.86 21.41
C ALA D 272 -2.01 -12.75 22.29
N VAL D 273 -1.90 -13.99 21.89
CA VAL D 273 -1.07 -14.93 22.65
C VAL D 273 0.40 -14.55 22.63
N SER D 274 0.98 -14.21 21.48
CA SER D 274 2.36 -13.81 21.45
C SER D 274 2.61 -12.57 22.26
N HIS D 275 1.64 -11.63 22.28
CA HIS D 275 1.75 -10.43 23.13
C HIS D 275 1.78 -10.77 24.61
N ALA D 276 0.88 -11.62 25.02
CA ALA D 276 0.83 -12.03 26.35
C ALA D 276 2.13 -12.78 26.81
N LEU D 277 2.60 -13.69 25.98
CA LEU D 277 3.84 -14.38 26.30
C LEU D 277 5.04 -13.43 26.45
N LYS D 278 5.13 -12.45 25.57
CA LYS D 278 6.17 -11.46 25.62
C LYS D 278 6.17 -10.72 26.96
N LYS D 279 5.02 -10.23 27.37
CA LYS D 279 4.88 -9.53 28.68
C LYS D 279 5.24 -10.41 29.87
N MSE D 280 4.79 -11.65 29.82
CA MSE D 280 5.08 -12.60 30.88
C MSE D 280 6.54 -12.83 30.94
O MSE D 280 7.09 -12.90 32.04
CB MSE D 280 4.37 -13.96 30.61
CG MSE D 280 2.91 -13.96 31.05
SE MSE D 280 1.91 -15.50 30.17
CE MSE D 280 2.89 -16.90 31.16
N MSE D 281 7.20 -13.01 29.80
CA MSE D 281 8.68 -13.22 29.79
C MSE D 281 9.39 -12.00 30.30
O MSE D 281 10.26 -12.12 31.17
CB MSE D 281 9.17 -13.67 28.45
CG MSE D 281 8.67 -15.09 28.16
SE MSE D 281 9.17 -15.59 26.34
CE MSE D 281 11.07 -15.05 26.29
N ALA D 282 8.98 -10.81 29.85
CA ALA D 282 9.58 -9.58 30.36
C ALA D 282 9.40 -9.42 31.87
N LYS D 283 8.20 -9.71 32.44
CA LYS D 283 7.99 -9.64 33.88
C LYS D 283 8.90 -10.62 34.66
N ALA D 284 9.07 -11.83 34.11
CA ALA D 284 9.83 -12.88 34.82
C ALA D 284 11.30 -12.51 34.82
N ALA D 285 11.75 -11.91 33.71
CA ALA D 285 13.07 -11.38 33.56
C ALA D 285 13.39 -10.23 34.54
N ARG D 286 12.49 -9.24 34.71
CA ARG D 286 12.74 -8.09 35.64
C ARG D 286 13.19 -8.68 36.97
N GLN D 287 12.40 -9.59 37.50
CA GLN D 287 12.81 -10.38 38.68
C GLN D 287 14.18 -11.05 38.54
PG ATP E . 20.67 14.81 -5.75
O1G ATP E . 21.91 14.50 -6.52
O2G ATP E . 20.13 13.66 -4.95
O3G ATP E . 20.75 16.15 -5.08
PB ATP E . 19.41 14.71 -8.41
O1B ATP E . 20.78 14.80 -9.05
O2B ATP E . 18.53 13.46 -8.68
O3B ATP E . 19.44 15.07 -6.83
PA ATP E . 17.97 17.02 -9.62
O1A ATP E . 16.58 16.71 -9.15
O2A ATP E . 18.59 18.35 -9.45
O3A ATP E . 19.00 16.20 -8.81
O5' ATP E . 18.19 16.56 -11.11
C5' ATP E . 19.29 16.92 -11.94
C4' ATP E . 19.45 15.88 -13.01
O4' ATP E . 20.43 16.33 -13.95
C3' ATP E . 19.96 14.54 -12.42
O3' ATP E . 19.23 13.38 -12.75
C2' ATP E . 21.40 14.49 -12.86
O2' ATP E . 22.06 13.21 -12.91
C1' ATP E . 21.31 15.24 -14.18
N9 ATP E . 22.57 15.77 -14.63
C8 ATP E . 23.51 16.46 -13.90
N7 ATP E . 24.52 16.81 -14.71
C5 ATP E . 24.22 16.34 -15.95
C6 ATP E . 24.88 16.33 -17.23
N6 ATP E . 26.14 16.94 -17.37
N1 ATP E . 24.23 15.75 -18.28
C2 ATP E . 23.04 15.14 -18.15
N3 ATP E . 22.40 15.06 -16.97
C4 ATP E . 22.93 15.65 -15.88
C1 GOL F . 18.38 29.39 -27.51
O1 GOL F . 18.97 28.74 -28.69
C2 GOL F . 16.93 29.81 -27.84
O2 GOL F . 16.13 28.70 -28.20
C3 GOL F . 16.18 30.54 -26.66
O3 GOL F . 16.51 29.91 -25.42
PG ATP G . -13.64 11.91 -19.39
O1G ATP G . -14.60 10.82 -18.95
O2G ATP G . -12.92 11.60 -20.69
O3G ATP G . -14.16 13.36 -19.25
PB ATP G . -12.39 11.60 -16.82
O1B ATP G . -13.87 11.44 -16.38
O2B ATP G . -11.27 10.59 -16.54
O3B ATP G . -12.37 11.87 -18.40
PA ATP G . -11.50 13.98 -15.37
O1A ATP G . -10.16 14.23 -15.75
O2A ATP G . -12.43 15.13 -15.42
O3A ATP G . -12.06 13.13 -16.49
O5' ATP G . -11.61 13.33 -13.94
C5' ATP G . -12.72 13.37 -13.09
C4' ATP G . -12.58 12.14 -12.20
O4' ATP G . -13.64 12.28 -11.25
C3' ATP G . -12.79 10.81 -12.94
O3' ATP G . -11.79 9.84 -12.69
C2' ATP G . -14.23 10.42 -12.49
O2' ATP G . -14.42 8.99 -12.55
C1' ATP G . -14.33 11.08 -11.14
N9 ATP G . -15.67 11.38 -10.64
C8 ATP G . -16.72 11.93 -11.29
N7 ATP G . -17.78 11.99 -10.50
C5 ATP G . -17.40 11.48 -9.30
C6 ATP G . -18.03 11.28 -7.98
N6 ATP G . -19.30 11.66 -7.80
N1 ATP G . -17.28 10.74 -6.98
C2 ATP G . -15.99 10.38 -7.14
N3 ATP G . -15.35 10.57 -8.32
C4 ATP G . -16.00 11.12 -9.39
C1 GOL H . -14.14 24.96 3.45
O1 GOL H . -14.41 24.02 4.55
C2 GOL H . -12.71 25.58 3.59
O2 GOL H . -11.80 24.54 3.93
C3 GOL H . -12.17 26.34 2.33
O3 GOL H . -12.53 25.81 1.02
PG ATP I . 10.85 -31.68 11.55
O1G ATP I . 10.22 -33.06 11.57
O2G ATP I . 10.97 -31.05 12.91
O3G ATP I . 12.05 -31.43 10.71
PB ATP I . 8.89 -30.89 9.55
O1B ATP I . 9.62 -31.79 8.54
O2B ATP I . 7.46 -31.23 9.86
O3B ATP I . 9.76 -30.67 10.90
PA ATP I . 8.36 -28.13 8.54
O1A ATP I . 7.57 -27.66 9.70
O2A ATP I . 9.45 -27.37 7.81
O3A ATP I . 9.15 -29.45 8.86
O5' ATP I . 7.40 -28.65 7.39
C5' ATP I . 7.88 -28.89 6.08
C4' ATP I . 7.01 -29.97 5.50
O4' ATP I . 7.40 -30.14 4.17
C3' ATP I . 7.13 -31.39 6.14
O3' ATP I . 5.80 -31.89 6.41
C2' ATP I . 7.93 -32.19 5.17
O2' ATP I . 7.69 -33.62 5.11
C1' ATP I . 7.50 -31.56 3.89
N9 ATP I . 8.39 -31.77 2.78
C8 ATP I . 9.78 -31.72 2.83
N7 ATP I . 10.29 -31.91 1.63
C5 ATP I . 9.26 -32.09 0.78
C6 ATP I . 9.12 -32.41 -0.65
N6 ATP I . 10.21 -32.49 -1.46
N1 ATP I . 7.90 -32.55 -1.12
C2 ATP I . 6.77 -32.50 -0.35
N3 ATP I . 6.82 -32.23 0.92
C4 ATP I . 8.00 -32.05 1.54
C1 GOL J . 5.23 -17.49 -10.32
O1 GOL J . 4.76 -18.38 -11.37
C2 GOL J . 4.25 -16.33 -9.94
O2 GOL J . 2.99 -16.80 -9.45
C3 GOL J . 4.73 -15.42 -8.78
O3 GOL J . 5.19 -16.25 -7.67
PG ATP K . -22.17 -15.96 15.62
O1G ATP K . -23.06 -15.93 16.86
O2G ATP K . -22.38 -17.24 14.85
O3G ATP K . -22.01 -14.59 15.01
PB ATP K . -19.97 -16.26 17.42
O1B ATP K . -21.07 -15.96 18.47
O2B ATP K . -19.38 -17.66 17.29
O3B ATP K . -20.59 -16.05 15.96
PA ATP K . -17.44 -14.69 17.45
O1A ATP K . -16.71 -15.50 16.45
O2A ATP K . -17.37 -13.22 17.57
O3A ATP K . -19.01 -14.98 17.46
O5' ATP K . -17.00 -15.29 18.88
C5' ATP K . -17.34 -14.71 20.11
C4' ATP K . -17.40 -15.83 21.12
O4' ATP K . -17.57 -15.24 22.41
C3' ATP K . -18.51 -16.87 20.92
O3' ATP K . -18.10 -18.29 20.95
C2' ATP K . -19.46 -16.51 22.04
O2' ATP K . -20.30 -17.59 22.39
C1' ATP K . -18.52 -16.06 23.12
N9 ATP K . -19.14 -15.17 24.11
C8 ATP K . -19.96 -14.10 23.83
N7 ATP K . -20.31 -13.47 24.99
C5 ATP K . -19.67 -14.13 25.98
C6 ATP K . -19.60 -14.03 27.42
N6 ATP K . -20.30 -13.03 27.99
N1 ATP K . -18.84 -14.90 28.15
C2 ATP K . -18.17 -15.89 27.53
N3 ATP K . -18.16 -16.03 26.18
C4 ATP K . -18.92 -15.26 25.40
C1 GOL L . -4.61 -4.74 32.30
O1 GOL L . -4.77 -5.44 33.60
C2 GOL L . -3.21 -4.81 31.67
O2 GOL L . -2.81 -6.17 31.69
C3 GOL L . -2.99 -4.29 30.22
O3 GOL L . -4.03 -4.77 29.30
#